data_5AG0
#
_entry.id   5AG0
#
_cell.length_a   65.840
_cell.length_b   46.570
_cell.length_c   147.630
_cell.angle_alpha   90.00
_cell.angle_beta   100.49
_cell.angle_gamma   90.00
#
_symmetry.space_group_name_H-M   'P 1 21 1'
#
loop_
_entity.id
_entity.type
_entity.pdbx_description
1 polymer 'DYE-DECOLORIZING PEROXIDASE'
2 branched beta-D-mannopyranose-(1-4)-2-acetamido-2-deoxy-beta-D-glucopyranose-(1-4)-2-acetamido-2-deoxy-beta-D-glucopyranose
3 non-polymer 'PROTOPORPHYRIN IX CONTAINING FE'
4 non-polymer 2-acetamido-2-deoxy-beta-D-glucopyranose
5 non-polymer 'CACODYLATE ION'
6 non-polymer 'FORMIC ACID'
7 non-polymer GLYCEROL
8 non-polymer 'GLYCOLIC ACID'
9 water water
#
_entity_poly.entity_id   1
_entity_poly.type   'polypeptide(L)'
_entity_poly.pdbx_seq_one_letter_code
;SLNTDDIQGDILVGMHKQKQLFYFFAINDPATFKTHLASDIAPVVASVTQLSNVATQPLVALNIAFSNTGLLALGVTDNL
GDSLFANGQAKDATSFKESTSSWVPQFAGTGIHGVIILASDTTDLIDQQVASIESTFGSSISKLYSLSASIRPGNEAGHE
MFGFLDGIAQPAINGFNTPLPGQNIVDAGVIITGATNDPITRPSWAVGGSFLAFRQLEQLVPEFNKYLLDNAPAGSGSLQ
ARADLLGARMVGRWKSGAPIDLTPTADDPALGADAQRNNNFTYSHAGFDLGSDQSHCPFSAHIRKTRPRADLGGSLTPPN
LSAGANSIMRSGIPYGPEVTSAESASNTTTQERGLAFVAYQAQLSQGFHFLQQTWADNANFPPGKTPATVGLDPIIGQNN
GQPRVVNGLLPSNSSASLSIPQFVVSHGGEYFFSPPISAIGGRLSA
;
_entity_poly.pdbx_strand_id   A,B
#
loop_
_chem_comp.id
_chem_comp.type
_chem_comp.name
_chem_comp.formula
BMA D-saccharide, beta linking beta-D-mannopyranose 'C6 H12 O6'
CAC non-polymer 'CACODYLATE ION' 'C2 H6 As O2 -1'
FMT non-polymer 'FORMIC ACID' 'C H2 O2'
GOA non-polymer 'GLYCOLIC ACID' 'C2 H4 O3'
GOL non-polymer GLYCEROL 'C3 H8 O3'
HEM non-polymer 'PROTOPORPHYRIN IX CONTAINING FE' 'C34 H32 Fe N4 O4'
NAG D-saccharide, beta linking 2-acetamido-2-deoxy-beta-D-glucopyranose 'C8 H15 N O6'
#
# COMPACT_ATOMS: atom_id res chain seq x y z
N SER A 1 9.56 -34.73 -21.19
CA SER A 1 9.87 -33.87 -20.01
C SER A 1 8.72 -32.91 -19.71
N LEU A 2 9.03 -31.83 -19.00
CA LEU A 2 8.03 -30.85 -18.60
C LEU A 2 7.69 -29.90 -19.74
N ASN A 3 6.41 -29.62 -19.91
CA ASN A 3 5.98 -28.52 -20.76
C ASN A 3 5.95 -27.21 -19.99
N THR A 4 7.05 -26.46 -20.06
CA THR A 4 7.21 -25.28 -19.22
C THR A 4 6.40 -24.10 -19.74
N ASP A 5 5.84 -24.25 -20.94
CA ASP A 5 4.88 -23.29 -21.48
C ASP A 5 3.55 -23.34 -20.73
N ASP A 6 3.29 -24.48 -20.08
CA ASP A 6 1.98 -24.73 -19.50
C ASP A 6 2.02 -24.78 -17.98
N ILE A 7 3.20 -24.57 -17.40
CA ILE A 7 3.35 -24.60 -15.94
C ILE A 7 3.46 -23.18 -15.42
N GLN A 8 2.70 -22.85 -14.39
CA GLN A 8 2.73 -21.50 -13.83
C GLN A 8 4.10 -21.16 -13.26
N GLY A 9 4.56 -19.95 -13.55
CA GLY A 9 5.94 -19.56 -13.28
C GLY A 9 6.41 -19.73 -11.84
N ASP A 10 5.56 -19.38 -10.88
CA ASP A 10 5.97 -19.35 -9.48
C ASP A 10 6.36 -20.73 -8.96
N ILE A 11 5.79 -21.78 -9.57
CA ILE A 11 6.01 -23.14 -9.09
C ILE A 11 7.48 -23.54 -9.18
N LEU A 12 8.12 -23.22 -10.29
CA LEU A 12 9.45 -23.76 -10.58
C LEU A 12 10.57 -22.72 -10.55
N VAL A 13 10.25 -21.46 -10.84
CA VAL A 13 11.29 -20.44 -10.93
C VAL A 13 11.04 -19.20 -10.08
N GLY A 14 9.82 -19.06 -9.55
CA GLY A 14 9.45 -17.88 -8.78
C GLY A 14 9.10 -16.70 -9.68
N MET A 15 8.60 -15.62 -9.07
CA MET A 15 7.99 -14.53 -9.82
C MET A 15 9.00 -13.52 -10.33
N HIS A 16 10.19 -13.51 -9.73
CA HIS A 16 11.28 -12.64 -10.17
C HIS A 16 10.93 -11.16 -10.09
N LYS A 17 10.20 -10.77 -9.05
CA LYS A 17 9.80 -9.39 -8.86
C LYS A 17 10.04 -8.88 -7.44
N GLN A 18 10.22 -7.57 -7.32
CA GLN A 18 10.48 -6.94 -6.03
C GLN A 18 9.28 -7.05 -5.09
N LYS A 19 8.09 -6.90 -5.64
CA LYS A 19 6.87 -6.87 -4.83
C LYS A 19 5.92 -8.00 -5.21
N GLN A 20 5.21 -8.53 -4.23
CA GLN A 20 4.10 -9.43 -4.50
C GLN A 20 2.86 -9.08 -3.69
N LEU A 21 1.70 -9.34 -4.29
CA LEU A 21 0.44 -9.31 -3.56
C LEU A 21 -0.25 -10.66 -3.67
N PHE A 22 -0.65 -11.19 -2.53
CA PHE A 22 -1.49 -12.39 -2.49
C PHE A 22 -2.93 -11.95 -2.28
N TYR A 23 -3.75 -12.13 -3.30
CA TYR A 23 -5.09 -11.57 -3.35
C TYR A 23 -6.08 -12.72 -3.23
N PHE A 24 -6.66 -12.88 -2.05
CA PHE A 24 -7.54 -14.02 -1.75
C PHE A 24 -9.00 -13.65 -2.01
N PHE A 25 -9.66 -14.44 -2.84
CA PHE A 25 -10.98 -14.08 -3.34
C PHE A 25 -12.01 -15.17 -3.12
N ALA A 26 -13.28 -14.77 -3.13
CA ALA A 26 -14.39 -15.69 -3.30
C ALA A 26 -15.04 -15.49 -4.67
N ILE A 27 -15.66 -16.55 -5.20
CA ILE A 27 -16.41 -16.47 -6.45
C ILE A 27 -17.90 -16.35 -6.16
N ASN A 28 -18.51 -15.26 -6.62
CA ASN A 28 -19.92 -15.01 -6.36
C ASN A 28 -20.81 -15.51 -7.50
N ASP A 29 -20.35 -15.30 -8.73
CA ASP A 29 -21.13 -15.60 -9.92
C ASP A 29 -20.27 -16.41 -10.89
N PRO A 30 -20.35 -17.74 -10.79
CA PRO A 30 -19.45 -18.64 -11.53
C PRO A 30 -19.48 -18.37 -13.03
N ALA A 31 -20.67 -18.19 -13.58
CA ALA A 31 -20.83 -17.97 -15.02
C ALA A 31 -20.00 -16.77 -15.48
N THR A 32 -20.16 -15.64 -14.80
CA THR A 32 -19.47 -14.42 -15.17
C THR A 32 -17.97 -14.53 -14.88
N PHE A 33 -17.64 -15.12 -13.73
CA PHE A 33 -16.25 -15.32 -13.36
C PHE A 33 -15.51 -16.13 -14.43
N LYS A 34 -16.16 -17.19 -14.92
CA LYS A 34 -15.54 -18.07 -15.91
C LYS A 34 -15.26 -17.32 -17.21
N THR A 35 -16.23 -16.54 -17.67
CA THR A 35 -16.04 -15.72 -18.86
C THR A 35 -14.77 -14.91 -18.76
N HIS A 36 -14.57 -14.26 -17.62
CA HIS A 36 -13.43 -13.36 -17.45
C HIS A 36 -12.15 -14.11 -17.09
N LEU A 37 -12.29 -15.27 -16.46
CA LEU A 37 -11.15 -16.13 -16.22
C LEU A 37 -10.52 -16.52 -17.56
N ALA A 38 -11.36 -16.90 -18.52
CA ALA A 38 -10.89 -17.32 -19.84
C ALA A 38 -10.37 -16.16 -20.68
N SER A 39 -11.07 -15.03 -20.62
CA SER A 39 -10.79 -13.93 -21.54
C SER A 39 -9.66 -13.04 -21.04
N ASP A 40 -9.61 -12.84 -19.72
CA ASP A 40 -8.84 -11.74 -19.16
C ASP A 40 -7.67 -12.22 -18.31
N ILE A 41 -7.85 -13.33 -17.62
CA ILE A 41 -6.81 -13.89 -16.76
C ILE A 41 -5.91 -14.87 -17.50
N ALA A 42 -6.51 -15.90 -18.07
CA ALA A 42 -5.75 -16.99 -18.69
C ALA A 42 -4.63 -16.52 -19.61
N PRO A 43 -4.95 -15.57 -20.51
CA PRO A 43 -3.96 -15.11 -21.50
C PRO A 43 -2.75 -14.44 -20.87
N VAL A 44 -2.86 -14.00 -19.62
CA VAL A 44 -1.78 -13.24 -18.99
C VAL A 44 -1.15 -13.95 -17.79
N VAL A 45 -1.50 -15.22 -17.62
CA VAL A 45 -0.83 -16.04 -16.61
C VAL A 45 0.60 -16.35 -17.04
N ALA A 46 1.55 -16.01 -16.19
CA ALA A 46 2.97 -16.14 -16.52
C ALA A 46 3.46 -17.58 -16.39
N SER A 47 4.07 -18.08 -17.46
CA SER A 47 4.57 -19.45 -17.48
C SER A 47 6.00 -19.53 -16.98
N VAL A 48 6.46 -20.73 -16.66
CA VAL A 48 7.87 -20.97 -16.37
C VAL A 48 8.75 -20.51 -17.54
N THR A 49 8.34 -20.85 -18.75
CA THR A 49 9.05 -20.42 -19.95
C THR A 49 9.22 -18.90 -19.95
N GLN A 50 8.10 -18.19 -19.79
CA GLN A 50 8.11 -16.74 -19.87
C GLN A 50 9.02 -16.11 -18.82
N LEU A 51 8.96 -16.64 -17.60
CA LEU A 51 9.72 -16.06 -16.50
C LEU A 51 11.18 -16.50 -16.49
N SER A 52 11.49 -17.52 -17.31
CA SER A 52 12.86 -18.02 -17.41
C SER A 52 13.66 -17.21 -18.43
N ASN A 53 12.96 -16.45 -19.25
CA ASN A 53 13.59 -15.65 -20.29
C ASN A 53 13.70 -14.19 -19.87
N VAL A 54 14.92 -13.71 -19.72
CA VAL A 54 15.15 -12.35 -19.23
C VAL A 54 14.49 -11.31 -20.14
N ALA A 55 14.27 -11.68 -21.39
CA ALA A 55 13.76 -10.73 -22.38
C ALA A 55 12.24 -10.78 -22.50
N THR A 56 11.59 -11.62 -21.70
CA THR A 56 10.14 -11.75 -21.75
C THR A 56 9.49 -11.68 -20.37
N GLN A 57 10.11 -10.93 -19.47
CA GLN A 57 9.48 -10.60 -18.19
C GLN A 57 8.28 -9.70 -18.39
N PRO A 58 7.11 -10.13 -17.92
CA PRO A 58 5.94 -9.26 -17.94
C PRO A 58 6.10 -8.11 -16.94
N LEU A 59 5.40 -7.00 -17.21
CA LEU A 59 5.42 -5.86 -16.31
C LEU A 59 4.82 -6.26 -14.96
N VAL A 60 3.69 -6.95 -15.02
CA VAL A 60 3.13 -7.61 -13.84
C VAL A 60 2.98 -9.10 -14.10
N ALA A 61 3.71 -9.91 -13.34
CA ALA A 61 3.56 -11.36 -13.41
C ALA A 61 2.33 -11.79 -12.62
N LEU A 62 1.47 -12.58 -13.24
CA LEU A 62 0.27 -13.07 -12.57
C LEU A 62 0.24 -14.59 -12.53
N ASN A 63 0.00 -15.13 -11.35
CA ASN A 63 -0.36 -16.54 -11.19
C ASN A 63 -1.70 -16.65 -10.48
N ILE A 64 -2.35 -17.80 -10.58
CA ILE A 64 -3.64 -18.00 -9.91
C ILE A 64 -3.80 -19.44 -9.43
N ALA A 65 -4.39 -19.60 -8.25
CA ALA A 65 -4.59 -20.92 -7.68
C ALA A 65 -5.93 -21.00 -6.96
N PHE A 66 -6.49 -22.19 -6.88
CA PHE A 66 -7.84 -22.38 -6.38
C PHE A 66 -7.85 -23.34 -5.19
N SER A 67 -8.63 -23.00 -4.16
CA SER A 67 -8.87 -23.90 -3.05
C SER A 67 -9.84 -24.98 -3.49
N ASN A 68 -10.08 -25.95 -2.62
CA ASN A 68 -11.08 -26.96 -2.89
C ASN A 68 -12.46 -26.35 -3.08
N THR A 69 -12.84 -25.44 -2.19
CA THR A 69 -14.15 -24.81 -2.27
C THR A 69 -14.27 -23.92 -3.50
N GLY A 70 -13.14 -23.37 -3.94
CA GLY A 70 -13.11 -22.61 -5.19
C GLY A 70 -13.40 -23.49 -6.40
N LEU A 71 -12.79 -24.66 -6.45
CA LEU A 71 -13.06 -25.61 -7.53
C LEU A 71 -14.53 -26.01 -7.54
N LEU A 72 -15.07 -26.28 -6.35
CA LEU A 72 -16.48 -26.67 -6.23
C LEU A 72 -17.39 -25.53 -6.68
N ALA A 73 -17.04 -24.30 -6.33
CA ALA A 73 -17.78 -23.13 -6.77
C ALA A 73 -17.80 -23.02 -8.30
N LEU A 74 -16.75 -23.54 -8.94
CA LEU A 74 -16.67 -23.56 -10.40
C LEU A 74 -17.35 -24.80 -10.97
N GLY A 75 -17.97 -25.59 -10.11
CA GLY A 75 -18.62 -26.83 -10.53
C GLY A 75 -17.64 -27.94 -10.88
N VAL A 76 -16.37 -27.73 -10.53
CA VAL A 76 -15.35 -28.76 -10.77
C VAL A 76 -15.30 -29.73 -9.59
N THR A 77 -15.91 -30.89 -9.76
CA THR A 77 -16.11 -31.82 -8.65
C THR A 77 -15.12 -32.99 -8.70
N ASP A 78 -14.18 -32.93 -9.64
CA ASP A 78 -13.21 -34.00 -9.82
C ASP A 78 -12.34 -34.22 -8.58
N ASN A 79 -11.90 -35.45 -8.38
CA ASN A 79 -10.99 -35.79 -7.30
C ASN A 79 -9.55 -35.48 -7.67
N LEU A 80 -8.96 -34.49 -7.01
CA LEU A 80 -7.57 -34.11 -7.26
C LEU A 80 -6.57 -35.06 -6.60
N GLY A 81 -7.08 -35.96 -5.76
CA GLY A 81 -6.26 -37.03 -5.20
C GLY A 81 -5.52 -36.63 -3.92
N ASP A 82 -5.97 -35.55 -3.29
CA ASP A 82 -5.29 -35.02 -2.13
C ASP A 82 -6.29 -34.65 -1.04
N SER A 83 -6.35 -35.46 0.01
CA SER A 83 -7.34 -35.28 1.06
CA SER A 83 -7.34 -35.28 1.06
C SER A 83 -7.05 -34.03 1.89
N LEU A 84 -5.77 -33.73 2.10
CA LEU A 84 -5.39 -32.53 2.83
C LEU A 84 -5.89 -31.28 2.11
N PHE A 85 -5.68 -31.23 0.80
CA PHE A 85 -6.22 -30.15 -0.03
C PHE A 85 -7.74 -30.05 0.09
N ALA A 86 -8.41 -31.20 0.07
CA ALA A 86 -9.86 -31.24 0.10
C ALA A 86 -10.40 -30.68 1.42
N ASN A 87 -9.76 -31.05 2.52
CA ASN A 87 -10.20 -30.64 3.84
C ASN A 87 -9.87 -29.18 4.16
N GLY A 88 -8.81 -28.66 3.55
CA GLY A 88 -8.39 -27.29 3.79
C GLY A 88 -7.46 -27.16 4.99
N GLN A 89 -6.69 -26.09 5.04
CA GLN A 89 -5.60 -25.99 6.00
C GLN A 89 -6.09 -25.78 7.43
N ALA A 90 -7.22 -25.09 7.58
CA ALA A 90 -7.80 -24.86 8.90
C ALA A 90 -8.02 -26.19 9.64
N LYS A 91 -8.50 -27.19 8.93
CA LYS A 91 -8.70 -28.52 9.52
C LYS A 91 -7.37 -29.19 9.85
N ASP A 92 -6.31 -28.77 9.17
CA ASP A 92 -5.01 -29.39 9.34
C ASP A 92 -4.22 -28.79 10.50
N ALA A 93 -4.72 -27.72 11.10
CA ALA A 93 -3.97 -26.98 12.10
C ALA A 93 -3.58 -27.85 13.30
N THR A 94 -4.46 -28.77 13.67
CA THR A 94 -4.18 -29.69 14.77
C THR A 94 -2.92 -30.52 14.50
N SER A 95 -2.74 -30.92 13.25
CA SER A 95 -1.56 -31.69 12.86
C SER A 95 -0.27 -30.96 13.25
N PHE A 96 -0.34 -29.64 13.32
CA PHE A 96 0.86 -28.83 13.53
C PHE A 96 0.91 -28.29 14.95
N LYS A 97 0.03 -28.78 15.81
CA LYS A 97 0.00 -28.36 17.21
C LYS A 97 -0.11 -26.84 17.29
N GLU A 98 -1.00 -26.27 16.49
CA GLU A 98 -1.29 -24.85 16.57
C GLU A 98 -2.78 -24.59 16.71
N SER A 99 -3.11 -23.48 17.36
CA SER A 99 -4.50 -23.09 17.55
C SER A 99 -4.89 -22.07 16.48
N THR A 100 -6.13 -22.13 16.01
CA THR A 100 -6.62 -21.15 15.05
C THR A 100 -6.92 -19.82 15.71
N SER A 101 -6.68 -19.73 17.02
CA SER A 101 -6.91 -18.48 17.73
C SER A 101 -6.02 -17.37 17.19
N SER A 102 -4.88 -17.73 16.63
CA SER A 102 -3.94 -16.75 16.09
C SER A 102 -4.14 -16.50 14.61
N TRP A 103 -5.06 -17.24 14.00
CA TRP A 103 -5.22 -17.19 12.55
C TRP A 103 -5.89 -15.90 12.08
N VAL A 104 -5.50 -15.43 10.90
CA VAL A 104 -6.33 -14.50 10.14
C VAL A 104 -7.72 -15.11 10.01
N PRO A 105 -8.76 -14.38 10.45
CA PRO A 105 -10.10 -14.96 10.50
C PRO A 105 -10.53 -15.54 9.15
N GLN A 106 -10.17 -14.85 8.07
CA GLN A 106 -10.51 -15.29 6.72
C GLN A 106 -9.90 -16.64 6.36
N PHE A 107 -8.76 -16.97 6.97
CA PHE A 107 -8.12 -18.27 6.74
C PHE A 107 -8.79 -19.40 7.55
N ALA A 108 -9.43 -19.02 8.64
CA ALA A 108 -9.95 -20.00 9.60
C ALA A 108 -11.33 -20.48 9.17
N GLY A 109 -11.37 -21.19 8.05
CA GLY A 109 -12.62 -21.48 7.37
C GLY A 109 -12.32 -21.94 5.95
N THR A 110 -13.35 -22.15 5.15
CA THR A 110 -13.14 -22.51 3.75
C THR A 110 -13.85 -21.54 2.81
N GLY A 111 -13.97 -20.29 3.23
CA GLY A 111 -14.63 -19.27 2.43
C GLY A 111 -13.79 -18.79 1.26
N ILE A 112 -12.48 -18.87 1.41
CA ILE A 112 -11.58 -18.44 0.33
C ILE A 112 -11.59 -19.45 -0.81
N HIS A 113 -11.86 -18.97 -2.01
CA HIS A 113 -11.98 -19.83 -3.17
C HIS A 113 -10.70 -19.88 -4.00
N GLY A 114 -9.81 -18.90 -3.79
CA GLY A 114 -8.57 -18.87 -4.56
C GLY A 114 -7.64 -17.76 -4.14
N VAL A 115 -6.46 -17.75 -4.75
CA VAL A 115 -5.53 -16.65 -4.58
C VAL A 115 -5.00 -16.23 -5.94
N ILE A 116 -4.99 -14.92 -6.19
CA ILE A 116 -4.24 -14.37 -7.30
C ILE A 116 -2.91 -13.85 -6.80
N ILE A 117 -1.82 -14.37 -7.35
CA ILE A 117 -0.48 -13.86 -7.04
C ILE A 117 -0.08 -12.84 -8.09
N LEU A 118 0.01 -11.59 -7.65
N LEU A 118 0.07 -11.59 -7.65
CA LEU A 118 0.52 -10.53 -8.51
CA LEU A 118 0.51 -10.52 -8.53
C LEU A 118 1.94 -10.18 -8.10
C LEU A 118 1.89 -10.01 -8.14
N ALA A 119 2.81 -10.03 -9.09
CA ALA A 119 4.21 -9.71 -8.81
C ALA A 119 4.68 -8.62 -9.77
N SER A 120 5.33 -7.60 -9.22
CA SER A 120 5.84 -6.49 -10.02
C SER A 120 6.92 -5.75 -9.26
N ASP A 121 7.65 -4.88 -9.94
CA ASP A 121 8.76 -4.20 -9.29
C ASP A 121 8.32 -2.98 -8.48
N THR A 122 7.09 -2.53 -8.68
N THR A 122 7.09 -2.55 -8.67
CA THR A 122 6.51 -1.48 -7.84
CA THR A 122 6.51 -1.49 -7.84
C THR A 122 5.11 -1.86 -7.36
C THR A 122 5.11 -1.86 -7.36
N THR A 123 4.70 -1.28 -6.24
CA THR A 123 3.36 -1.49 -5.72
C THR A 123 2.31 -0.77 -6.58
N ASP A 124 2.70 0.32 -7.21
CA ASP A 124 1.81 1.03 -8.14
C ASP A 124 1.32 0.12 -9.26
N LEU A 125 2.23 -0.63 -9.86
CA LEU A 125 1.86 -1.52 -10.96
C LEU A 125 0.92 -2.62 -10.48
N ILE A 126 1.20 -3.17 -9.30
CA ILE A 126 0.32 -4.15 -8.70
C ILE A 126 -1.06 -3.55 -8.44
N ASP A 127 -1.09 -2.38 -7.83
CA ASP A 127 -2.35 -1.72 -7.47
C ASP A 127 -3.22 -1.49 -8.72
N GLN A 128 -2.59 -1.05 -9.80
CA GLN A 128 -3.32 -0.77 -11.03
C GLN A 128 -3.87 -2.05 -11.64
N GLN A 129 -3.12 -3.14 -11.50
CA GLN A 129 -3.55 -4.42 -12.06
C GLN A 129 -4.70 -5.00 -11.26
N VAL A 130 -4.68 -4.78 -9.95
CA VAL A 130 -5.82 -5.13 -9.11
C VAL A 130 -7.06 -4.34 -9.56
N ALA A 131 -6.89 -3.05 -9.79
CA ALA A 131 -8.02 -2.21 -10.23
C ALA A 131 -8.61 -2.77 -11.53
N SER A 132 -7.74 -3.17 -12.45
CA SER A 132 -8.17 -3.68 -13.74
C SER A 132 -8.92 -5.01 -13.59
N ILE A 133 -8.37 -5.90 -12.77
CA ILE A 133 -9.03 -7.17 -12.47
C ILE A 133 -10.41 -6.97 -11.85
N GLU A 134 -10.50 -6.11 -10.85
CA GLU A 134 -11.76 -5.90 -10.14
C GLU A 134 -12.82 -5.28 -11.05
N SER A 135 -12.40 -4.35 -11.90
CA SER A 135 -13.32 -3.71 -12.83
C SER A 135 -13.79 -4.69 -13.90
N THR A 136 -12.91 -5.59 -14.31
CA THR A 136 -13.26 -6.61 -15.31
C THR A 136 -14.24 -7.63 -14.76
N PHE A 137 -13.97 -8.13 -13.56
CA PHE A 137 -14.79 -9.17 -12.94
C PHE A 137 -16.04 -8.61 -12.27
N GLY A 138 -15.96 -7.36 -11.83
CA GLY A 138 -17.09 -6.75 -11.12
C GLY A 138 -17.48 -7.54 -9.88
N SER A 139 -18.78 -7.70 -9.68
CA SER A 139 -19.28 -8.35 -8.47
C SER A 139 -19.29 -9.89 -8.60
N SER A 140 -18.73 -10.41 -9.67
CA SER A 140 -18.59 -11.86 -9.80
C SER A 140 -17.48 -12.38 -8.88
N ILE A 141 -16.67 -11.46 -8.38
CA ILE A 141 -15.59 -11.81 -7.46
C ILE A 141 -15.66 -10.91 -6.22
N SER A 142 -15.31 -11.48 -5.06
CA SER A 142 -15.16 -10.69 -3.84
C SER A 142 -13.77 -10.87 -3.25
N LYS A 143 -13.12 -9.75 -2.93
CA LYS A 143 -11.86 -9.79 -2.19
C LYS A 143 -12.13 -10.03 -0.71
N LEU A 144 -11.55 -11.10 -0.17
CA LEU A 144 -11.78 -11.47 1.23
C LEU A 144 -10.60 -11.03 2.10
N TYR A 145 -9.40 -11.09 1.54
CA TYR A 145 -8.18 -10.80 2.28
C TYR A 145 -7.05 -10.62 1.28
N SER A 146 -6.05 -9.83 1.66
CA SER A 146 -4.82 -9.77 0.87
C SER A 146 -3.59 -9.58 1.76
N LEU A 147 -2.45 -9.99 1.24
CA LEU A 147 -1.18 -9.79 1.94
C LEU A 147 -0.13 -9.24 0.97
N SER A 148 0.38 -8.05 1.28
CA SER A 148 1.48 -7.47 0.51
C SER A 148 2.83 -7.95 1.03
N ALA A 149 3.73 -8.27 0.11
CA ALA A 149 5.04 -8.79 0.46
C ALA A 149 6.08 -8.10 -0.41
N SER A 150 7.34 -8.14 0.02
CA SER A 150 8.42 -7.53 -0.73
CA SER A 150 8.43 -7.49 -0.70
C SER A 150 9.77 -8.12 -0.38
N ILE A 151 10.66 -8.15 -1.36
CA ILE A 151 12.06 -8.41 -1.11
C ILE A 151 12.56 -7.31 -0.18
N ARG A 152 13.42 -7.68 0.76
CA ARG A 152 13.92 -6.71 1.74
C ARG A 152 14.93 -5.75 1.10
N PRO A 153 15.09 -4.57 1.70
CA PRO A 153 15.83 -3.48 1.05
C PRO A 153 17.33 -3.67 1.05
N GLY A 154 18.01 -3.06 0.08
CA GLY A 154 19.45 -2.88 0.12
C GLY A 154 20.21 -4.19 0.15
N ASN A 155 21.18 -4.28 1.05
CA ASN A 155 22.03 -5.48 1.16
C ASN A 155 21.28 -6.64 1.79
N GLU A 156 20.06 -6.39 2.23
CA GLU A 156 19.25 -7.45 2.82
C GLU A 156 18.31 -8.09 1.81
N ALA A 157 18.43 -7.67 0.56
CA ALA A 157 17.66 -8.30 -0.52
C ALA A 157 17.99 -9.79 -0.60
N GLY A 158 16.94 -10.61 -0.58
CA GLY A 158 17.13 -12.06 -0.61
C GLY A 158 17.29 -12.66 0.78
N HIS A 159 17.36 -11.82 1.80
CA HIS A 159 17.34 -12.30 3.18
C HIS A 159 15.92 -12.27 3.74
N GLU A 160 15.60 -13.22 4.61
CA GLU A 160 14.32 -13.16 5.32
C GLU A 160 14.46 -12.26 6.55
N MET A 161 13.38 -12.09 7.30
CA MET A 161 13.30 -11.04 8.32
C MET A 161 14.26 -11.23 9.50
N PHE A 162 14.68 -12.46 9.77
CA PHE A 162 15.65 -12.70 10.84
C PHE A 162 17.05 -12.30 10.37
N GLY A 163 17.20 -12.10 9.06
CA GLY A 163 18.45 -11.60 8.50
C GLY A 163 19.22 -12.60 7.68
N PHE A 164 18.66 -13.78 7.49
CA PHE A 164 19.38 -14.90 6.88
C PHE A 164 19.10 -15.00 5.37
N LEU A 165 20.16 -15.17 4.59
CA LEU A 165 19.98 -15.42 3.17
C LEU A 165 19.05 -16.61 2.97
N ASP A 166 18.01 -16.40 2.16
CA ASP A 166 17.06 -17.45 1.88
CA ASP A 166 17.04 -17.44 1.87
C ASP A 166 17.09 -17.79 0.39
N GLY A 167 16.47 -18.90 0.02
CA GLY A 167 16.35 -19.28 -1.39
C GLY A 167 17.64 -19.84 -2.00
N ILE A 168 18.52 -20.35 -1.15
CA ILE A 168 19.67 -21.11 -1.63
C ILE A 168 19.26 -22.50 -2.11
N ALA A 169 18.51 -23.21 -1.26
CA ALA A 169 18.31 -24.63 -1.46
C ALA A 169 16.94 -24.93 -2.06
N GLN A 170 16.93 -25.68 -3.16
CA GLN A 170 15.71 -26.19 -3.77
C GLN A 170 16.01 -27.57 -4.34
N PRO A 171 14.99 -28.43 -4.44
CA PRO A 171 15.25 -29.67 -5.17
C PRO A 171 15.49 -29.40 -6.65
N ALA A 172 16.44 -30.11 -7.25
CA ALA A 172 16.60 -30.10 -8.69
C ALA A 172 15.69 -31.17 -9.28
N ILE A 173 14.96 -30.81 -10.34
CA ILE A 173 14.09 -31.76 -11.01
C ILE A 173 14.84 -32.50 -12.11
N ASN A 174 14.95 -33.82 -11.95
CA ASN A 174 15.68 -34.66 -12.90
C ASN A 174 15.20 -34.46 -14.33
N GLY A 175 16.13 -34.15 -15.24
CA GLY A 175 15.80 -33.94 -16.64
C GLY A 175 15.45 -32.50 -16.96
N PHE A 176 15.34 -31.68 -15.92
CA PHE A 176 14.97 -30.27 -16.10
C PHE A 176 16.06 -29.33 -15.60
N ASN A 177 16.38 -29.42 -14.31
CA ASN A 177 17.48 -28.66 -13.73
C ASN A 177 18.81 -29.36 -13.96
N THR A 178 19.85 -28.57 -14.23
CA THR A 178 21.22 -29.06 -14.06
C THR A 178 21.64 -28.85 -12.61
N PRO A 179 21.86 -29.94 -11.87
CA PRO A 179 21.99 -29.86 -10.41
C PRO A 179 23.26 -29.12 -9.98
N LEU A 180 23.16 -28.37 -8.89
CA LEU A 180 24.31 -27.78 -8.23
C LEU A 180 24.91 -28.76 -7.24
N PRO A 181 26.18 -28.56 -6.86
CA PRO A 181 26.85 -29.43 -5.92
C PRO A 181 26.08 -29.56 -4.61
N GLY A 182 25.67 -30.76 -4.27
CA GLY A 182 25.01 -31.03 -3.00
C GLY A 182 23.49 -31.03 -3.11
N GLN A 183 22.99 -30.46 -4.19
CA GLN A 183 21.54 -30.31 -4.39
C GLN A 183 20.87 -31.68 -4.55
N ASN A 184 19.71 -31.86 -3.93
CA ASN A 184 18.93 -33.08 -4.16
C ASN A 184 18.37 -33.14 -5.57
N ILE A 185 18.22 -34.36 -6.09
CA ILE A 185 17.68 -34.57 -7.42
C ILE A 185 16.46 -35.47 -7.34
N VAL A 186 15.34 -34.99 -7.86
CA VAL A 186 14.05 -35.65 -7.63
C VAL A 186 13.26 -35.80 -8.93
N ASP A 187 12.31 -36.73 -8.94
CA ASP A 187 11.39 -36.86 -10.05
C ASP A 187 10.48 -35.64 -10.15
N ALA A 188 10.14 -35.24 -11.37
CA ALA A 188 9.27 -34.09 -11.59
C ALA A 188 7.95 -34.25 -10.83
N GLY A 189 7.46 -35.49 -10.75
CA GLY A 189 6.18 -35.77 -10.12
C GLY A 189 6.14 -35.55 -8.62
N VAL A 190 7.29 -35.26 -8.02
CA VAL A 190 7.34 -34.86 -6.62
C VAL A 190 6.75 -33.46 -6.45
N ILE A 191 6.90 -32.64 -7.49
CA ILE A 191 6.49 -31.24 -7.44
C ILE A 191 5.28 -30.99 -8.33
N ILE A 192 5.24 -31.63 -9.48
CA ILE A 192 4.24 -31.34 -10.50
C ILE A 192 3.24 -32.49 -10.59
N THR A 193 1.97 -32.19 -10.39
CA THR A 193 0.95 -33.23 -10.37
C THR A 193 0.81 -33.84 -11.76
N GLY A 194 0.81 -35.18 -11.80
CA GLY A 194 0.69 -35.90 -13.08
C GLY A 194 2.02 -36.02 -13.81
N ALA A 195 3.08 -35.43 -13.26
CA ALA A 195 4.39 -35.52 -13.88
C ALA A 195 5.10 -36.82 -13.52
N THR A 196 6.32 -36.97 -14.01
CA THR A 196 7.03 -38.23 -13.92
C THR A 196 7.01 -38.84 -12.53
N ASN A 197 6.44 -40.03 -12.42
CA ASN A 197 6.44 -40.79 -11.18
C ASN A 197 5.64 -40.17 -10.04
N ASP A 198 4.67 -39.32 -10.39
CA ASP A 198 3.57 -39.02 -9.49
C ASP A 198 2.61 -40.20 -9.48
N PRO A 199 2.53 -40.93 -8.35
CA PRO A 199 1.75 -42.17 -8.31
C PRO A 199 0.25 -41.93 -8.17
N ILE A 200 -0.14 -40.68 -7.91
CA ILE A 200 -1.53 -40.37 -7.64
C ILE A 200 -2.28 -40.01 -8.92
N THR A 201 -3.42 -40.68 -9.15
CA THR A 201 -4.28 -40.32 -10.27
C THR A 201 -4.83 -38.91 -10.12
N ARG A 202 -4.68 -38.11 -11.19
CA ARG A 202 -5.24 -36.76 -11.22
C ARG A 202 -6.26 -36.63 -12.36
N PRO A 203 -7.15 -35.63 -12.26
CA PRO A 203 -7.90 -35.22 -13.45
C PRO A 203 -6.92 -34.79 -14.54
N SER A 204 -7.23 -35.09 -15.80
CA SER A 204 -6.31 -34.80 -16.89
C SER A 204 -5.98 -33.31 -16.97
N TRP A 205 -6.95 -32.46 -16.68
CA TRP A 205 -6.76 -31.02 -16.78
C TRP A 205 -5.80 -30.50 -15.71
N ALA A 206 -5.54 -31.33 -14.71
CA ALA A 206 -4.67 -30.95 -13.60
C ALA A 206 -3.21 -31.37 -13.80
N VAL A 207 -2.92 -32.11 -14.86
CA VAL A 207 -1.53 -32.50 -15.15
C VAL A 207 -0.71 -31.28 -15.54
N GLY A 208 0.33 -31.01 -14.75
CA GLY A 208 1.13 -29.80 -14.96
C GLY A 208 0.95 -28.77 -13.86
N GLY A 209 0.03 -29.04 -12.94
CA GLY A 209 -0.18 -28.15 -11.79
C GLY A 209 0.68 -28.50 -10.58
N SER A 210 0.40 -27.83 -9.46
CA SER A 210 1.06 -28.15 -8.21
C SER A 210 0.22 -27.65 -7.04
N PHE A 211 0.32 -28.30 -5.88
CA PHE A 211 -0.35 -27.79 -4.70
C PHE A 211 0.46 -26.69 -4.04
N LEU A 212 -0.19 -25.57 -3.80
CA LEU A 212 0.41 -24.41 -3.16
C LEU A 212 -0.01 -24.36 -1.69
N ALA A 213 0.95 -24.58 -0.79
CA ALA A 213 0.69 -24.41 0.63
C ALA A 213 1.09 -23.00 1.05
N PHE A 214 0.11 -22.18 1.38
CA PHE A 214 0.37 -20.82 1.81
C PHE A 214 0.30 -20.71 3.32
N ARG A 215 1.30 -20.03 3.91
CA ARG A 215 1.32 -19.81 5.34
C ARG A 215 1.75 -18.37 5.62
N GLN A 216 0.94 -17.64 6.38
CA GLN A 216 1.34 -16.33 6.87
C GLN A 216 2.06 -16.48 8.21
N LEU A 217 3.40 -16.47 8.17
CA LEU A 217 4.19 -16.76 9.34
C LEU A 217 4.84 -15.50 9.90
N GLU A 218 4.26 -14.97 10.97
CA GLU A 218 4.82 -13.78 11.61
C GLU A 218 6.12 -14.12 12.29
N GLN A 219 7.12 -13.25 12.15
CA GLN A 219 8.38 -13.45 12.81
C GLN A 219 8.63 -12.37 13.86
N LEU A 220 8.98 -12.79 15.06
CA LEU A 220 9.24 -11.87 16.16
C LEU A 220 10.72 -11.58 16.22
N VAL A 221 11.16 -10.59 15.45
CA VAL A 221 12.57 -10.41 15.17
C VAL A 221 13.34 -9.84 16.37
N PRO A 222 12.81 -8.78 17.00
CA PRO A 222 13.46 -8.24 18.18
C PRO A 222 13.54 -9.27 19.30
N GLU A 223 12.48 -10.06 19.46
CA GLU A 223 12.44 -11.11 20.47
C GLU A 223 13.48 -12.19 20.19
N PHE A 224 13.58 -12.60 18.93
CA PHE A 224 14.59 -13.55 18.47
C PHE A 224 15.99 -13.04 18.81
N ASN A 225 16.27 -11.82 18.41
CA ASN A 225 17.58 -11.23 18.63
C ASN A 225 17.95 -11.14 20.11
N LYS A 226 16.98 -10.74 20.93
CA LYS A 226 17.19 -10.69 22.38
C LYS A 226 17.48 -12.08 22.94
N TYR A 227 16.72 -13.07 22.51
CA TYR A 227 16.94 -14.44 22.97
C TYR A 227 18.38 -14.88 22.70
N LEU A 228 18.88 -14.54 21.51
CA LEU A 228 20.23 -14.91 21.12
C LEU A 228 21.29 -14.27 22.02
N LEU A 229 21.13 -12.98 22.30
CA LEU A 229 22.04 -12.27 23.20
C LEU A 229 22.00 -12.90 24.59
N ASP A 230 20.79 -13.21 25.05
CA ASP A 230 20.59 -13.63 26.44
C ASP A 230 21.06 -15.05 26.67
N ASN A 231 21.05 -15.86 25.62
CA ASN A 231 21.37 -17.27 25.75
C ASN A 231 22.62 -17.68 24.97
N ALA A 232 23.33 -16.70 24.44
CA ALA A 232 24.59 -16.97 23.76
C ALA A 232 25.49 -17.81 24.66
N PRO A 233 26.08 -18.86 24.10
CA PRO A 233 27.03 -19.68 24.84
C PRO A 233 28.20 -18.85 25.35
N ALA A 234 28.73 -19.19 26.52
CA ALA A 234 30.00 -18.65 26.98
C ALA A 234 31.08 -18.91 25.93
N GLY A 235 32.17 -18.14 26.01
CA GLY A 235 33.29 -18.32 25.10
C GLY A 235 34.18 -17.09 25.02
N SER A 236 35.33 -17.24 24.38
CA SER A 236 36.32 -16.16 24.31
C SER A 236 35.95 -15.14 23.24
N GLY A 237 35.03 -15.51 22.35
CA GLY A 237 34.57 -14.59 21.32
C GLY A 237 33.75 -13.46 21.90
N SER A 238 33.56 -12.40 21.12
CA SER A 238 32.70 -11.29 21.55
C SER A 238 31.28 -11.75 21.79
N LEU A 239 30.53 -10.98 22.56
CA LEU A 239 29.13 -11.27 22.79
C LEU A 239 28.35 -11.34 21.47
N GLN A 240 28.60 -10.39 20.58
CA GLN A 240 27.92 -10.39 19.29
C GLN A 240 28.23 -11.67 18.50
N ALA A 241 29.50 -12.07 18.49
CA ALA A 241 29.91 -13.28 17.77
C ALA A 241 29.19 -14.51 18.31
N ARG A 242 29.09 -14.60 19.63
CA ARG A 242 28.52 -15.78 20.26
C ARG A 242 27.00 -15.81 20.14
N ALA A 243 26.39 -14.63 20.09
CA ALA A 243 24.96 -14.54 19.80
C ALA A 243 24.70 -14.95 18.35
N ASP A 244 25.51 -14.44 17.43
CA ASP A 244 25.40 -14.79 16.02
C ASP A 244 25.56 -16.29 15.83
N LEU A 245 26.48 -16.88 16.59
CA LEU A 245 26.74 -18.32 16.48
C LEU A 245 25.49 -19.10 16.83
N LEU A 246 24.83 -18.70 17.92
CA LEU A 246 23.64 -19.40 18.36
C LEU A 246 22.52 -19.31 17.33
N GLY A 247 22.34 -18.13 16.75
CA GLY A 247 21.38 -17.94 15.66
C GLY A 247 21.65 -18.88 14.49
N ALA A 248 22.92 -18.95 14.08
CA ALA A 248 23.31 -19.79 12.96
C ALA A 248 23.15 -21.28 13.27
N ARG A 249 23.38 -21.64 14.53
CA ARG A 249 23.17 -23.02 14.96
C ARG A 249 21.69 -23.39 14.87
N MET A 250 20.81 -22.42 15.10
CA MET A 250 19.37 -22.67 15.00
C MET A 250 18.92 -22.87 13.55
N VAL A 251 19.45 -22.03 12.66
CA VAL A 251 19.04 -22.06 11.27
C VAL A 251 19.73 -23.19 10.52
N GLY A 252 21.03 -23.37 10.79
CA GLY A 252 21.86 -24.29 10.02
C GLY A 252 22.72 -23.55 9.02
N ARG A 253 22.49 -22.24 8.89
CA ARG A 253 23.30 -21.39 8.03
C ARG A 253 23.59 -20.08 8.75
N TRP A 254 24.72 -19.45 8.40
CA TRP A 254 24.96 -18.08 8.82
C TRP A 254 24.14 -17.15 7.94
N LYS A 255 24.06 -15.89 8.32
CA LYS A 255 23.22 -14.94 7.58
C LYS A 255 23.68 -14.76 6.13
N SER A 256 24.96 -14.98 5.88
CA SER A 256 25.48 -14.87 4.52
C SER A 256 24.97 -15.99 3.64
N GLY A 257 24.46 -17.05 4.25
CA GLY A 257 24.07 -18.25 3.53
C GLY A 257 25.09 -19.38 3.65
N ALA A 258 26.25 -19.08 4.25
CA ALA A 258 27.25 -20.12 4.48
C ALA A 258 26.71 -21.19 5.40
N PRO A 259 26.74 -22.46 4.96
CA PRO A 259 26.21 -23.53 5.79
C PRO A 259 27.13 -23.79 6.99
N ILE A 260 26.57 -23.80 8.19
CA ILE A 260 27.40 -23.99 9.37
C ILE A 260 28.12 -25.33 9.37
N ASP A 261 27.54 -26.32 8.68
CA ASP A 261 28.16 -27.63 8.55
C ASP A 261 29.58 -27.52 7.98
N LEU A 262 29.77 -26.59 7.05
CA LEU A 262 31.06 -26.43 6.38
C LEU A 262 31.93 -25.36 7.05
N THR A 263 31.33 -24.56 7.91
CA THR A 263 32.07 -23.53 8.64
C THR A 263 31.48 -23.29 10.04
N PRO A 264 31.79 -24.20 10.97
CA PRO A 264 30.99 -24.38 12.19
C PRO A 264 31.13 -23.24 13.19
N THR A 265 32.23 -22.50 13.12
CA THR A 265 32.57 -21.56 14.20
C THR A 265 32.44 -20.08 13.83
N ALA A 266 32.45 -19.78 12.54
CA ALA A 266 32.25 -18.40 12.10
C ALA A 266 31.67 -18.32 10.69
N ASP A 267 31.08 -17.17 10.36
CA ASP A 267 30.55 -16.94 9.04
C ASP A 267 31.68 -16.94 8.01
N ASP A 268 31.35 -17.35 6.79
CA ASP A 268 32.27 -17.31 5.66
C ASP A 268 31.50 -16.75 4.45
N PRO A 269 31.49 -15.42 4.30
CA PRO A 269 30.59 -14.78 3.35
C PRO A 269 30.93 -15.13 1.89
N ALA A 270 32.20 -15.41 1.62
CA ALA A 270 32.59 -15.86 0.29
C ALA A 270 31.93 -17.21 -0.04
N LEU A 271 31.89 -18.08 0.96
CA LEU A 271 31.23 -19.37 0.81
C LEU A 271 29.72 -19.19 0.65
N GLY A 272 29.14 -18.31 1.47
CA GLY A 272 27.69 -18.10 1.46
C GLY A 272 27.19 -17.66 0.09
N ALA A 273 28.01 -16.87 -0.59
CA ALA A 273 27.62 -16.26 -1.87
C ALA A 273 27.86 -17.19 -3.05
N ASP A 274 28.52 -18.31 -2.81
CA ASP A 274 28.97 -19.19 -3.89
C ASP A 274 28.05 -20.40 -4.04
N ALA A 275 27.20 -20.38 -5.06
CA ALA A 275 26.21 -21.43 -5.28
C ALA A 275 26.86 -22.77 -5.61
N GLN A 276 28.13 -22.74 -5.97
CA GLN A 276 28.86 -23.97 -6.28
C GLN A 276 29.40 -24.64 -5.02
N ARG A 277 29.35 -23.94 -3.89
CA ARG A 277 29.87 -24.48 -2.63
C ARG A 277 28.86 -24.51 -1.49
N ASN A 278 27.91 -23.58 -1.50
CA ASN A 278 27.13 -23.31 -0.30
C ASN A 278 26.05 -24.34 0.00
N ASN A 279 25.88 -25.32 -0.89
CA ASN A 279 24.99 -26.43 -0.62
C ASN A 279 25.69 -27.78 -0.72
N ASN A 280 27.02 -27.74 -0.84
CA ASN A 280 27.81 -28.91 -1.16
C ASN A 280 28.21 -29.70 0.10
N PHE A 281 27.21 -30.26 0.78
CA PHE A 281 27.46 -30.99 2.03
C PHE A 281 26.35 -32.01 2.30
N THR A 282 26.67 -33.00 3.12
CA THR A 282 25.73 -34.07 3.44
C THR A 282 25.45 -34.16 4.94
N TYR A 283 26.25 -33.44 5.73
CA TYR A 283 26.26 -33.55 7.19
C TYR A 283 27.27 -34.57 7.73
N SER A 284 27.82 -35.39 6.85
CA SER A 284 28.89 -36.32 7.24
C SER A 284 30.26 -35.64 7.28
N HIS A 285 31.11 -36.09 8.19
CA HIS A 285 32.47 -35.56 8.30
C HIS A 285 33.46 -36.67 8.64
N ALA A 286 34.56 -36.73 7.88
CA ALA A 286 35.59 -37.72 8.13
C ALA A 286 36.06 -37.64 9.58
N GLY A 287 36.02 -38.77 10.28
CA GLY A 287 36.53 -38.85 11.64
C GLY A 287 35.49 -38.55 12.70
N PHE A 288 34.26 -38.26 12.26
CA PHE A 288 33.16 -37.95 13.18
C PHE A 288 32.02 -38.94 13.03
N ASP A 289 31.38 -39.26 14.15
CA ASP A 289 30.23 -40.15 14.14
C ASP A 289 28.94 -39.39 13.81
N LEU A 290 28.39 -39.67 12.63
CA LEU A 290 27.19 -38.98 12.16
C LEU A 290 26.08 -39.00 13.22
N GLY A 291 26.06 -40.07 14.02
CA GLY A 291 24.96 -40.30 14.95
C GLY A 291 24.99 -39.44 16.20
N SER A 292 26.17 -38.91 16.53
CA SER A 292 26.34 -38.18 17.79
C SER A 292 27.01 -36.82 17.62
N ASP A 293 27.66 -36.60 16.48
CA ASP A 293 28.41 -35.37 16.27
C ASP A 293 27.50 -34.19 15.93
N GLN A 294 27.39 -33.25 16.86
CA GLN A 294 26.63 -32.04 16.61
C GLN A 294 27.54 -30.81 16.58
N SER A 295 28.84 -31.05 16.46
CA SER A 295 29.82 -29.97 16.51
C SER A 295 29.85 -29.14 15.23
N HIS A 296 29.40 -29.74 14.13
CA HIS A 296 29.35 -29.02 12.86
C HIS A 296 27.99 -28.36 12.65
N CYS A 297 26.93 -29.10 12.97
CA CYS A 297 25.57 -28.59 12.85
C CYS A 297 24.67 -29.40 13.79
N PRO A 298 23.88 -28.72 14.64
CA PRO A 298 22.95 -29.44 15.52
C PRO A 298 21.97 -30.30 14.72
N PHE A 299 21.57 -31.43 15.29
CA PHE A 299 20.54 -32.25 14.67
C PHE A 299 19.23 -31.49 14.55
N SER A 300 19.10 -30.41 15.33
CA SER A 300 17.82 -29.70 15.45
C SER A 300 17.76 -28.47 14.54
N ALA A 301 18.86 -28.16 13.87
CA ALA A 301 18.92 -26.97 13.02
C ALA A 301 17.83 -27.03 11.96
N HIS A 302 17.24 -25.87 11.67
CA HIS A 302 16.10 -25.79 10.74
C HIS A 302 16.32 -26.53 9.43
N ILE A 303 17.41 -26.23 8.72
CA ILE A 303 17.62 -26.86 7.42
C ILE A 303 17.89 -28.37 7.52
N ARG A 304 18.44 -28.81 8.64
CA ARG A 304 18.69 -30.23 8.88
C ARG A 304 17.38 -30.95 9.18
N LYS A 305 16.47 -30.27 9.86
CA LYS A 305 15.14 -30.82 10.14
C LYS A 305 14.31 -30.97 8.86
N THR A 306 14.52 -30.05 7.91
CA THR A 306 13.65 -30.00 6.74
C THR A 306 14.24 -30.67 5.50
N ARG A 307 15.57 -30.78 5.45
CA ARG A 307 16.23 -31.73 4.55
C ARG A 307 17.36 -32.45 5.27
N PRO A 308 17.09 -33.66 5.76
CA PRO A 308 17.97 -34.41 6.66
C PRO A 308 19.26 -34.88 6.00
N ARG A 309 19.24 -34.98 4.68
CA ARG A 309 20.38 -35.50 3.93
C ARG A 309 20.86 -36.84 4.49
N ALA A 310 22.13 -36.93 4.85
CA ALA A 310 22.71 -38.20 5.28
C ALA A 310 22.06 -38.74 6.55
N ASP A 311 21.34 -37.89 7.27
CA ASP A 311 20.60 -38.34 8.45
C ASP A 311 19.57 -39.40 8.12
N LEU A 312 19.12 -39.45 6.87
CA LEU A 312 18.15 -40.47 6.45
C LEU A 312 18.77 -41.49 5.50
N GLY A 313 20.09 -41.64 5.57
CA GLY A 313 20.79 -42.69 4.83
C GLY A 313 21.34 -42.17 3.51
N GLY A 314 21.84 -43.10 2.70
CA GLY A 314 22.39 -42.73 1.39
C GLY A 314 23.83 -42.25 1.47
N SER A 315 24.24 -41.49 0.47
CA SER A 315 25.64 -41.15 0.29
C SER A 315 26.16 -40.20 1.38
N LEU A 316 27.35 -40.49 1.89
CA LEU A 316 28.02 -39.61 2.85
C LEU A 316 28.80 -38.51 2.13
N THR A 317 29.09 -38.73 0.86
CA THR A 317 29.65 -37.69 0.01
C THR A 317 28.57 -37.07 -0.89
N PRO A 318 28.69 -35.78 -1.20
CA PRO A 318 27.68 -35.06 -1.98
C PRO A 318 27.65 -35.54 -3.42
N PRO A 319 26.47 -35.58 -4.03
CA PRO A 319 25.25 -35.17 -3.37
C PRO A 319 24.57 -36.31 -2.64
N ASN A 320 24.06 -36.05 -1.44
CA ASN A 320 23.12 -36.95 -0.80
C ASN A 320 21.73 -36.84 -1.42
N LEU A 321 21.11 -37.98 -1.65
CA LEU A 321 19.85 -38.02 -2.40
C LEU A 321 18.68 -38.55 -1.58
N SER A 322 18.85 -38.58 -0.26
CA SER A 322 17.81 -39.13 0.62
C SER A 322 16.50 -38.34 0.57
N ALA A 323 15.40 -39.04 0.81
CA ALA A 323 14.10 -38.40 1.04
C ALA A 323 13.71 -37.42 -0.06
N GLY A 324 13.97 -37.78 -1.31
CA GLY A 324 13.58 -36.93 -2.43
C GLY A 324 12.10 -36.66 -2.47
N ALA A 325 11.29 -37.64 -2.07
CA ALA A 325 9.83 -37.52 -2.17
C ALA A 325 9.27 -36.51 -1.18
N ASN A 326 10.09 -36.12 -0.20
CA ASN A 326 9.69 -35.11 0.78
C ASN A 326 10.31 -33.74 0.49
N SER A 327 10.59 -33.47 -0.78
CA SER A 327 11.10 -32.17 -1.21
C SER A 327 9.96 -31.18 -1.46
N ILE A 328 10.22 -29.91 -1.17
CA ILE A 328 9.31 -28.85 -1.57
C ILE A 328 10.06 -27.78 -2.36
N MET A 329 9.37 -27.15 -3.31
CA MET A 329 9.86 -25.93 -3.92
C MET A 329 9.36 -24.74 -3.11
N ARG A 330 10.27 -23.85 -2.73
CA ARG A 330 9.91 -22.72 -1.88
C ARG A 330 9.89 -21.42 -2.67
N SER A 331 8.79 -20.70 -2.56
CA SER A 331 8.65 -19.41 -3.24
C SER A 331 8.20 -18.33 -2.27
N GLY A 332 8.59 -18.48 -1.01
CA GLY A 332 8.21 -17.53 0.03
C GLY A 332 8.80 -16.16 -0.23
N ILE A 333 8.24 -15.15 0.43
CA ILE A 333 8.72 -13.78 0.30
C ILE A 333 8.36 -13.02 1.57
N PRO A 334 9.29 -12.18 2.07
CA PRO A 334 9.02 -11.52 3.34
C PRO A 334 7.85 -10.54 3.23
N TYR A 335 7.20 -10.26 4.36
CA TYR A 335 6.16 -9.22 4.39
C TYR A 335 6.33 -8.32 5.61
N GLY A 336 5.73 -7.14 5.55
CA GLY A 336 5.75 -6.22 6.67
C GLY A 336 6.92 -5.26 6.62
N PRO A 337 6.92 -4.28 7.53
CA PRO A 337 7.97 -3.27 7.60
C PRO A 337 9.27 -3.85 8.13
N GLU A 338 10.39 -3.20 7.83
CA GLU A 338 11.64 -3.46 8.54
C GLU A 338 11.47 -3.18 10.03
N VAL A 339 12.30 -3.81 10.85
CA VAL A 339 12.24 -3.58 12.29
C VAL A 339 12.49 -2.10 12.59
N THR A 340 11.60 -1.51 13.39
CA THR A 340 11.69 -0.09 13.69
C THR A 340 12.60 0.19 14.88
N SER A 341 13.00 1.46 15.02
CA SER A 341 13.83 1.90 16.14
C SER A 341 13.25 1.50 17.48
N ALA A 342 11.97 1.82 17.70
CA ALA A 342 11.34 1.56 18.98
C ALA A 342 11.29 0.06 19.31
N GLU A 343 11.03 -0.76 18.31
CA GLU A 343 10.97 -2.20 18.51
C GLU A 343 12.35 -2.79 18.81
N SER A 344 13.35 -2.35 18.06
CA SER A 344 14.73 -2.76 18.31
C SER A 344 15.12 -2.41 19.73
N ALA A 345 14.72 -1.21 20.17
CA ALA A 345 15.06 -0.72 21.51
C ALA A 345 14.38 -1.54 22.61
N SER A 346 13.09 -1.80 22.43
CA SER A 346 12.27 -2.42 23.46
C SER A 346 12.37 -3.94 23.45
N ASN A 347 12.92 -4.50 22.36
CA ASN A 347 12.91 -5.94 22.13
C ASN A 347 11.51 -6.51 21.90
N THR A 348 10.56 -5.65 21.59
CA THR A 348 9.16 -6.05 21.57
C THR A 348 8.52 -5.69 20.24
N THR A 349 8.00 -6.70 19.54
CA THR A 349 7.34 -6.48 18.26
C THR A 349 5.99 -5.80 18.44
N THR A 350 5.75 -4.76 17.64
CA THR A 350 4.42 -4.15 17.57
C THR A 350 3.86 -4.13 16.15
N GLN A 351 4.75 -4.21 15.16
CA GLN A 351 4.36 -4.16 13.76
C GLN A 351 4.55 -5.54 13.13
N GLU A 352 3.48 -6.13 12.64
CA GLU A 352 3.57 -7.49 12.12
C GLU A 352 4.47 -7.57 10.90
N ARG A 353 5.45 -8.46 10.97
CA ARG A 353 6.32 -8.75 9.82
C ARG A 353 6.60 -10.25 9.85
N GLY A 354 7.07 -10.78 8.74
CA GLY A 354 7.44 -12.19 8.71
C GLY A 354 7.63 -12.72 7.31
N LEU A 355 7.21 -13.95 7.10
CA LEU A 355 7.39 -14.63 5.82
C LEU A 355 6.04 -15.03 5.25
N ALA A 356 5.73 -14.56 4.05
CA ALA A 356 4.64 -15.14 3.27
C ALA A 356 5.13 -16.44 2.66
N PHE A 357 4.92 -17.53 3.39
CA PHE A 357 5.52 -18.81 3.06
C PHE A 357 4.72 -19.49 1.97
N VAL A 358 5.39 -19.91 0.91
CA VAL A 358 4.76 -20.62 -0.19
C VAL A 358 5.60 -21.87 -0.49
N ALA A 359 4.97 -23.03 -0.38
CA ALA A 359 5.60 -24.28 -0.75
C ALA A 359 4.79 -24.96 -1.85
N TYR A 360 5.47 -25.43 -2.89
CA TYR A 360 4.84 -26.24 -3.92
C TYR A 360 5.26 -27.70 -3.82
N GLN A 361 4.31 -28.59 -4.06
CA GLN A 361 4.55 -30.03 -4.03
C GLN A 361 3.37 -30.73 -4.71
N ALA A 362 3.57 -31.97 -5.16
CA ALA A 362 2.50 -32.72 -5.80
C ALA A 362 1.61 -33.42 -4.78
N GLN A 363 2.18 -33.73 -3.61
CA GLN A 363 1.42 -34.29 -2.50
C GLN A 363 1.66 -33.50 -1.22
N LEU A 364 0.62 -32.85 -0.71
CA LEU A 364 0.73 -32.12 0.55
C LEU A 364 1.17 -33.02 1.70
N SER A 365 0.81 -34.29 1.63
CA SER A 365 1.08 -35.21 2.73
C SER A 365 2.56 -35.59 2.79
N GLN A 366 3.28 -35.32 1.71
CA GLN A 366 4.69 -35.68 1.60
C GLN A 366 5.58 -34.45 1.71
N GLY A 367 4.98 -33.28 1.50
CA GLY A 367 5.74 -32.03 1.46
C GLY A 367 5.60 -31.22 2.73
N PHE A 368 5.02 -30.03 2.60
CA PHE A 368 4.96 -29.09 3.71
C PHE A 368 4.40 -29.74 4.97
N HIS A 369 3.25 -30.39 4.84
CA HIS A 369 2.57 -30.98 5.98
C HIS A 369 3.49 -32.00 6.68
N PHE A 370 4.20 -32.78 5.88
CA PHE A 370 5.11 -33.80 6.39
C PHE A 370 6.29 -33.18 7.14
N LEU A 371 6.96 -32.24 6.48
CA LEU A 371 8.08 -31.53 7.09
C LEU A 371 7.70 -30.91 8.43
N GLN A 372 6.53 -30.27 8.49
CA GLN A 372 6.11 -29.58 9.70
C GLN A 372 5.78 -30.56 10.83
N GLN A 373 4.98 -31.57 10.52
CA GLN A 373 4.48 -32.47 11.56
C GLN A 373 5.46 -33.58 11.91
N THR A 374 5.96 -34.26 10.89
CA THR A 374 6.71 -35.50 11.14
C THR A 374 8.18 -35.25 11.42
N TRP A 375 8.70 -34.13 10.97
CA TRP A 375 10.12 -33.81 11.19
C TRP A 375 10.31 -32.65 12.18
N ALA A 376 9.82 -31.47 11.82
CA ALA A 376 10.07 -30.27 12.61
C ALA A 376 9.49 -30.36 14.03
N ASP A 377 8.30 -30.95 14.14
CA ASP A 377 7.59 -31.01 15.41
C ASP A 377 7.90 -32.29 16.18
N ASN A 378 8.82 -33.07 15.64
CA ASN A 378 9.13 -34.39 16.21
C ASN A 378 10.45 -34.38 16.97
N ALA A 379 10.35 -34.50 18.30
CA ALA A 379 11.52 -34.37 19.17
C ALA A 379 12.51 -35.52 18.99
N ASN A 380 12.07 -36.59 18.33
CA ASN A 380 12.95 -37.71 18.03
C ASN A 380 13.28 -37.84 16.54
N PHE A 381 13.24 -36.72 15.82
CA PHE A 381 13.73 -36.67 14.45
C PHE A 381 14.86 -35.64 14.34
N PRO A 382 15.94 -35.99 13.65
CA PRO A 382 16.07 -37.25 12.95
C PRO A 382 16.24 -38.44 13.87
N PRO A 383 15.98 -39.67 13.37
CA PRO A 383 16.03 -40.85 14.21
C PRO A 383 17.45 -41.36 14.41
N GLY A 384 17.66 -42.19 15.44
CA GLY A 384 18.90 -42.91 15.61
C GLY A 384 20.06 -42.06 16.07
N LYS A 385 19.75 -40.92 16.67
CA LYS A 385 20.79 -40.02 17.18
C LYS A 385 21.12 -40.27 18.64
N THR A 386 22.26 -39.75 19.08
CA THR A 386 22.65 -39.79 20.48
C THR A 386 23.11 -38.40 20.91
N PRO A 387 22.42 -37.80 21.87
CA PRO A 387 21.24 -38.39 22.49
C PRO A 387 20.06 -38.45 21.54
N ALA A 388 19.09 -39.31 21.85
CA ALA A 388 17.99 -39.57 20.94
C ALA A 388 17.07 -38.37 20.82
N THR A 389 16.95 -37.59 21.90
CA THR A 389 16.09 -36.42 21.90
C THR A 389 16.76 -35.24 21.21
N VAL A 390 16.42 -35.05 19.94
CA VAL A 390 16.89 -33.93 19.15
C VAL A 390 16.20 -32.64 19.61
N GLY A 391 14.94 -32.76 20.00
CA GLY A 391 14.11 -31.60 20.26
C GLY A 391 13.46 -31.09 18.99
N LEU A 392 12.80 -29.95 19.09
CA LEU A 392 12.05 -29.41 17.96
C LEU A 392 12.91 -28.46 17.12
N ASP A 393 12.48 -28.23 15.89
CA ASP A 393 13.01 -27.17 15.03
C ASP A 393 12.82 -25.82 15.74
N PRO A 394 13.92 -25.09 15.99
CA PRO A 394 13.81 -23.86 16.77
C PRO A 394 13.17 -22.72 15.97
N ILE A 395 13.15 -22.86 14.65
CA ILE A 395 12.53 -21.82 13.82
C ILE A 395 11.04 -22.05 13.64
N ILE A 396 10.65 -23.26 13.25
CA ILE A 396 9.25 -23.53 12.92
C ILE A 396 8.58 -24.57 13.80
N GLY A 397 9.35 -25.21 14.68
CA GLY A 397 8.79 -26.26 15.55
C GLY A 397 7.70 -25.73 16.45
N GLN A 398 6.60 -26.47 16.57
CA GLN A 398 5.46 -26.02 17.36
C GLN A 398 5.05 -27.03 18.42
N ASN A 399 4.58 -26.51 19.56
CA ASN A 399 4.21 -27.34 20.69
C ASN A 399 3.00 -26.73 21.40
N ASN A 400 1.93 -26.49 20.64
CA ASN A 400 0.71 -25.91 21.17
C ASN A 400 0.96 -24.65 21.98
N GLY A 401 1.80 -23.76 21.45
CA GLY A 401 1.99 -22.44 22.02
C GLY A 401 2.93 -22.44 23.20
N GLN A 402 3.39 -23.63 23.59
CA GLN A 402 4.36 -23.76 24.67
C GLN A 402 5.77 -23.51 24.14
N PRO A 403 6.69 -23.14 25.04
CA PRO A 403 8.09 -23.04 24.62
C PRO A 403 8.57 -24.37 24.06
N ARG A 404 9.46 -24.33 23.08
CA ARG A 404 9.98 -25.54 22.46
C ARG A 404 11.28 -25.98 23.13
N VAL A 405 11.37 -27.26 23.48
CA VAL A 405 12.63 -27.83 23.93
C VAL A 405 13.50 -28.22 22.75
N VAL A 406 14.67 -27.60 22.67
CA VAL A 406 15.57 -27.81 21.55
C VAL A 406 16.95 -28.17 22.06
N ASN A 407 17.46 -29.31 21.62
CA ASN A 407 18.74 -29.81 22.11
C ASN A 407 19.82 -29.67 21.05
N GLY A 408 21.08 -29.73 21.48
CA GLY A 408 22.19 -29.79 20.55
C GLY A 408 22.76 -28.45 20.14
N LEU A 409 22.10 -27.36 20.53
CA LEU A 409 22.45 -26.04 20.00
C LEU A 409 23.78 -25.51 20.51
N LEU A 410 24.14 -25.88 21.75
CA LEU A 410 25.37 -25.42 22.36
C LEU A 410 26.52 -26.38 22.07
N PRO A 411 27.56 -25.90 21.38
CA PRO A 411 28.68 -26.75 20.96
C PRO A 411 29.36 -27.49 22.10
N SER A 412 29.38 -26.90 23.29
CA SER A 412 30.14 -27.45 24.40
C SER A 412 29.47 -28.66 25.05
N ASN A 413 28.17 -28.81 24.84
CA ASN A 413 27.40 -29.87 25.47
C ASN A 413 26.15 -30.20 24.67
N SER A 414 26.22 -31.25 23.87
CA SER A 414 25.14 -31.58 22.95
C SER A 414 23.90 -32.03 23.71
N SER A 415 24.07 -32.34 24.99
CA SER A 415 22.94 -32.75 25.83
C SER A 415 22.19 -31.56 26.43
N ALA A 416 22.78 -30.37 26.31
CA ALA A 416 22.21 -29.17 26.91
C ALA A 416 20.95 -28.69 26.19
N SER A 417 19.84 -28.64 26.92
CA SER A 417 18.56 -28.20 26.36
C SER A 417 18.40 -26.68 26.46
N LEU A 418 17.79 -26.09 25.44
CA LEU A 418 17.20 -24.76 25.57
C LEU A 418 15.69 -24.86 25.45
N SER A 419 14.99 -24.15 26.33
CA SER A 419 13.55 -23.97 26.21
C SER A 419 13.27 -22.64 25.53
N ILE A 420 12.73 -22.70 24.32
CA ILE A 420 12.69 -21.54 23.45
C ILE A 420 11.25 -21.13 23.14
N PRO A 421 10.88 -19.89 23.49
CA PRO A 421 9.58 -19.37 23.09
C PRO A 421 9.47 -19.38 21.57
N GLN A 422 8.25 -19.43 21.05
CA GLN A 422 8.05 -19.34 19.60
C GLN A 422 8.54 -17.99 19.11
N PHE A 423 9.33 -18.02 18.04
CA PHE A 423 9.66 -16.75 17.39
CA PHE A 423 9.77 -16.81 17.32
C PHE A 423 8.95 -16.62 16.06
N VAL A 424 8.32 -17.69 15.61
CA VAL A 424 7.45 -17.66 14.45
C VAL A 424 6.04 -17.98 14.90
N VAL A 425 5.10 -17.11 14.55
CA VAL A 425 3.71 -17.30 14.91
C VAL A 425 2.89 -17.52 13.65
N SER A 426 2.32 -18.72 13.51
CA SER A 426 1.42 -18.98 12.40
C SER A 426 0.14 -18.16 12.52
N HIS A 427 -0.17 -17.40 11.48
CA HIS A 427 -1.50 -16.83 11.35
C HIS A 427 -2.30 -17.56 10.29
N GLY A 428 -1.86 -18.78 9.99
CA GLY A 428 -2.60 -19.68 9.15
C GLY A 428 -2.38 -19.44 7.66
N GLY A 429 -3.33 -19.91 6.87
CA GLY A 429 -3.19 -19.94 5.42
C GLY A 429 -4.17 -20.93 4.83
N GLU A 430 -3.89 -21.36 3.61
CA GLU A 430 -4.78 -22.28 2.92
C GLU A 430 -3.96 -23.13 1.96
N TYR A 431 -4.52 -24.29 1.60
CA TYR A 431 -3.98 -25.13 0.55
C TYR A 431 -4.69 -24.83 -0.77
N PHE A 432 -3.92 -24.46 -1.78
CA PHE A 432 -4.49 -24.21 -3.11
C PHE A 432 -3.92 -25.19 -4.15
N PHE A 433 -4.56 -25.22 -5.32
CA PHE A 433 -4.01 -25.92 -6.47
C PHE A 433 -3.74 -24.92 -7.58
N SER A 434 -2.48 -24.79 -7.96
CA SER A 434 -2.12 -24.01 -9.14
C SER A 434 -2.19 -24.90 -10.36
N PRO A 435 -3.23 -24.71 -11.18
CA PRO A 435 -3.46 -25.59 -12.32
C PRO A 435 -2.50 -25.26 -13.45
N PRO A 436 -2.34 -26.19 -14.40
CA PRO A 436 -1.63 -25.85 -15.63
C PRO A 436 -2.34 -24.70 -16.34
N ILE A 437 -1.61 -23.89 -17.09
CA ILE A 437 -2.20 -22.71 -17.70
C ILE A 437 -3.34 -23.05 -18.65
N SER A 438 -3.24 -24.20 -19.32
CA SER A 438 -4.28 -24.65 -20.24
C SER A 438 -5.62 -24.88 -19.55
N ALA A 439 -5.57 -25.24 -18.27
CA ALA A 439 -6.79 -25.53 -17.52
C ALA A 439 -7.56 -24.27 -17.16
N ILE A 440 -6.85 -23.15 -17.09
CA ILE A 440 -7.43 -21.89 -16.64
C ILE A 440 -8.50 -21.39 -17.61
N GLY A 441 -8.15 -21.28 -18.88
CA GLY A 441 -9.11 -20.98 -19.93
C GLY A 441 -9.74 -22.23 -20.51
N GLY A 442 -9.26 -23.39 -20.05
CA GLY A 442 -9.85 -24.68 -20.43
C GLY A 442 -10.94 -25.12 -19.48
N ARG A 443 -10.70 -26.21 -18.76
CA ARG A 443 -11.72 -26.83 -17.92
C ARG A 443 -12.33 -25.86 -16.92
N LEU A 444 -11.50 -25.01 -16.31
CA LEU A 444 -11.95 -24.20 -15.20
C LEU A 444 -12.88 -23.08 -15.66
N SER A 445 -12.86 -22.80 -16.96
CA SER A 445 -13.72 -21.78 -17.55
C SER A 445 -14.94 -22.40 -18.22
N ALA A 446 -15.04 -23.73 -18.15
CA ALA A 446 -16.15 -24.44 -18.79
C ALA A 446 -17.26 -24.74 -17.80
N SER B 1 7.07 40.23 9.21
CA SER B 1 7.69 39.14 8.41
C SER B 1 7.34 37.77 8.98
N LEU B 2 7.05 36.82 8.10
CA LEU B 2 6.72 35.46 8.51
C LEU B 2 7.94 34.70 9.00
N ASN B 3 7.81 34.05 10.15
CA ASN B 3 8.80 33.06 10.57
C ASN B 3 8.48 31.70 9.95
N THR B 4 8.99 31.49 8.75
CA THR B 4 8.61 30.30 7.98
C THR B 4 9.28 29.04 8.51
N ASP B 5 10.27 29.22 9.38
CA ASP B 5 10.89 28.10 10.09
C ASP B 5 9.88 27.41 11.00
N ASP B 6 8.85 28.14 11.42
CA ASP B 6 7.94 27.63 12.44
C ASP B 6 6.58 27.24 11.85
N ILE B 7 6.45 27.38 10.54
CA ILE B 7 5.21 27.07 9.85
C ILE B 7 5.32 25.73 9.11
N GLN B 8 4.34 24.86 9.30
CA GLN B 8 4.37 23.56 8.66
C GLN B 8 4.30 23.67 7.14
N GLY B 9 5.10 22.85 6.46
CA GLY B 9 5.39 23.06 5.05
C GLY B 9 4.18 22.97 4.14
N ASP B 10 3.27 22.04 4.41
CA ASP B 10 2.13 21.81 3.52
C ASP B 10 1.27 23.06 3.39
N ILE B 11 1.31 23.93 4.39
CA ILE B 11 0.42 25.07 4.44
C ILE B 11 0.70 26.07 3.32
N LEU B 12 1.97 26.40 3.14
CA LEU B 12 2.35 27.49 2.24
C LEU B 12 3.00 27.00 0.95
N VAL B 13 3.58 25.80 0.96
CA VAL B 13 4.34 25.34 -0.19
C VAL B 13 3.94 23.95 -0.70
N GLY B 14 3.24 23.18 0.13
CA GLY B 14 2.92 21.79 -0.21
C GLY B 14 4.08 20.85 0.08
N MET B 15 3.83 19.56 -0.02
CA MET B 15 4.78 18.55 0.43
C MET B 15 5.88 18.26 -0.59
N HIS B 16 5.60 18.57 -1.85
CA HIS B 16 6.58 18.39 -2.92
C HIS B 16 7.07 16.95 -3.03
N LYS B 17 6.14 15.99 -2.91
CA LYS B 17 6.47 14.58 -3.04
C LYS B 17 5.48 13.84 -3.95
N GLN B 18 5.92 12.72 -4.50
CA GLN B 18 5.09 11.92 -5.39
C GLN B 18 3.92 11.30 -4.65
N LYS B 19 4.18 10.82 -3.44
CA LYS B 19 3.19 10.06 -2.67
C LYS B 19 2.85 10.80 -1.38
N GLN B 20 1.60 10.69 -0.96
CA GLN B 20 1.22 11.15 0.37
C GLN B 20 0.33 10.13 1.05
N LEU B 21 0.39 10.09 2.38
CA LEU B 21 -0.59 9.33 3.15
C LEU B 21 -1.25 10.25 4.15
N PHE B 22 -2.58 10.21 4.20
CA PHE B 22 -3.32 10.86 5.27
C PHE B 22 -3.73 9.84 6.32
N TYR B 23 -3.13 9.95 7.50
CA TYR B 23 -3.27 8.94 8.55
C TYR B 23 -4.10 9.54 9.69
N PHE B 24 -5.35 9.11 9.79
CA PHE B 24 -6.28 9.71 10.75
C PHE B 24 -6.32 8.89 12.04
N PHE B 25 -6.06 9.55 13.15
CA PHE B 25 -5.80 8.83 14.41
C PHE B 25 -6.67 9.33 15.56
N ALA B 26 -6.83 8.46 16.55
CA ALA B 26 -7.32 8.87 17.86
C ALA B 26 -6.20 8.78 18.89
N ILE B 27 -6.31 9.62 19.93
CA ILE B 27 -5.40 9.60 21.07
C ILE B 27 -6.02 8.83 22.23
N ASN B 28 -5.34 7.79 22.69
CA ASN B 28 -5.90 6.92 23.73
C ASN B 28 -5.35 7.26 25.11
N ASP B 29 -4.14 7.82 25.14
CA ASP B 29 -3.38 7.97 26.36
C ASP B 29 -2.56 9.25 26.27
N PRO B 30 -3.17 10.38 26.65
CA PRO B 30 -2.60 11.71 26.41
C PRO B 30 -1.18 11.85 26.94
N ALA B 31 -0.93 11.39 28.16
CA ALA B 31 0.39 11.53 28.77
C ALA B 31 1.47 10.85 27.93
N THR B 32 1.20 9.62 27.50
CA THR B 32 2.13 8.89 26.66
C THR B 32 2.24 9.53 25.28
N PHE B 33 1.11 9.87 24.69
CA PHE B 33 1.08 10.53 23.39
C PHE B 33 1.94 11.80 23.41
N LYS B 34 1.78 12.61 24.45
CA LYS B 34 2.45 13.90 24.52
C LYS B 34 3.97 13.75 24.51
N THR B 35 4.48 12.78 25.26
CA THR B 35 5.92 12.63 25.37
C THR B 35 6.52 12.26 24.02
N HIS B 36 5.82 11.43 23.25
CA HIS B 36 6.30 11.07 21.92
C HIS B 36 6.06 12.14 20.87
N LEU B 37 4.98 12.91 21.03
CA LEU B 37 4.77 14.06 20.18
C LEU B 37 5.98 14.99 20.26
N ALA B 38 6.48 15.20 21.47
CA ALA B 38 7.60 16.12 21.69
C ALA B 38 8.94 15.53 21.28
N SER B 39 9.21 14.30 21.72
N SER B 39 9.18 14.28 21.68
CA SER B 39 10.52 13.70 21.48
CA SER B 39 10.49 13.67 21.53
C SER B 39 10.69 13.26 20.03
C SER B 39 10.71 13.04 20.16
N ASP B 40 9.62 12.68 19.48
CA ASP B 40 9.73 11.91 18.25
C ASP B 40 9.13 12.58 17.00
N ILE B 41 7.99 13.26 17.18
CA ILE B 41 7.35 13.93 16.05
C ILE B 41 7.88 15.35 15.83
N ALA B 42 7.90 16.15 16.89
CA ALA B 42 8.27 17.56 16.77
C ALA B 42 9.55 17.80 15.94
N PRO B 43 10.61 17.02 16.21
CA PRO B 43 11.89 17.32 15.59
C PRO B 43 11.95 16.98 14.10
N VAL B 44 10.94 16.27 13.59
CA VAL B 44 10.95 15.86 12.19
C VAL B 44 9.78 16.43 11.39
N VAL B 45 9.07 17.40 11.97
CA VAL B 45 8.04 18.11 11.22
C VAL B 45 8.68 19.08 10.23
N ALA B 46 8.25 19.00 8.98
CA ALA B 46 8.87 19.77 7.90
C ALA B 46 8.31 21.17 7.85
N SER B 47 9.20 22.17 7.80
CA SER B 47 8.78 23.56 7.78
C SER B 47 8.63 24.10 6.35
N VAL B 48 7.99 25.25 6.24
CA VAL B 48 7.90 25.95 4.96
C VAL B 48 9.30 26.27 4.44
N THR B 49 10.18 26.68 5.36
CA THR B 49 11.56 26.99 4.98
C THR B 49 12.26 25.77 4.39
N GLN B 50 12.09 24.63 5.05
CA GLN B 50 12.69 23.39 4.60
C GLN B 50 12.20 22.97 3.21
N LEU B 51 10.89 23.00 3.01
CA LEU B 51 10.29 22.51 1.76
C LEU B 51 10.38 23.53 0.64
N SER B 52 10.67 24.78 0.99
CA SER B 52 10.77 25.85 0.00
C SER B 52 12.00 25.69 -0.89
N ASN B 53 13.03 25.06 -0.35
CA ASN B 53 14.26 24.82 -1.09
C ASN B 53 14.44 23.34 -1.37
N VAL B 54 14.47 22.98 -2.65
CA VAL B 54 14.66 21.58 -3.03
C VAL B 54 15.84 20.95 -2.30
N ALA B 55 16.87 21.75 -2.04
CA ALA B 55 18.10 21.24 -1.45
C ALA B 55 17.90 20.72 -0.03
N THR B 56 16.92 21.27 0.68
CA THR B 56 16.71 20.93 2.08
C THR B 56 15.46 20.09 2.31
N GLN B 57 14.84 19.63 1.23
CA GLN B 57 13.70 18.72 1.34
C GLN B 57 14.11 17.35 1.88
N PRO B 58 13.38 16.85 2.88
CA PRO B 58 13.70 15.60 3.57
C PRO B 58 13.24 14.38 2.78
N LEU B 59 13.77 13.21 3.12
CA LEU B 59 13.38 11.96 2.47
C LEU B 59 11.89 11.72 2.63
N VAL B 60 11.42 11.85 3.86
CA VAL B 60 10.00 11.81 4.15
C VAL B 60 9.58 13.10 4.84
N ALA B 61 8.66 13.83 4.22
CA ALA B 61 8.10 15.03 4.83
C ALA B 61 6.92 14.65 5.73
N LEU B 62 6.91 15.19 6.94
CA LEU B 62 5.82 14.92 7.87
C LEU B 62 5.17 16.24 8.31
N ASN B 63 3.84 16.28 8.27
CA ASN B 63 3.08 17.35 8.91
C ASN B 63 2.04 16.71 9.83
N ILE B 64 1.56 17.47 10.79
CA ILE B 64 0.54 16.94 11.70
C ILE B 64 -0.48 17.99 12.10
N ALA B 65 -1.75 17.60 12.14
CA ALA B 65 -2.83 18.53 12.47
C ALA B 65 -3.80 17.87 13.42
N PHE B 66 -4.47 18.70 14.23
CA PHE B 66 -5.36 18.20 15.27
C PHE B 66 -6.77 18.75 15.10
N SER B 67 -7.76 17.88 15.32
CA SER B 67 -9.15 18.31 15.35
C SER B 67 -9.45 18.96 16.70
N ASN B 68 -10.61 19.58 16.80
CA ASN B 68 -11.09 20.11 18.09
C ASN B 68 -11.05 19.04 19.18
N THR B 69 -11.61 17.86 18.89
CA THR B 69 -11.64 16.80 19.90
C THR B 69 -10.24 16.27 20.21
N GLY B 70 -9.34 16.36 19.23
CA GLY B 70 -7.93 16.03 19.46
C GLY B 70 -7.28 16.99 20.45
N LEU B 71 -7.47 18.28 20.23
CA LEU B 71 -6.95 19.28 21.16
C LEU B 71 -7.51 19.08 22.56
N LEU B 72 -8.80 18.78 22.65
CA LEU B 72 -9.44 18.53 23.94
C LEU B 72 -8.88 17.27 24.60
N ALA B 73 -8.57 16.26 23.81
CA ALA B 73 -7.93 15.06 24.33
C ALA B 73 -6.59 15.37 24.98
N LEU B 74 -5.90 16.38 24.45
CA LEU B 74 -4.58 16.77 24.95
C LEU B 74 -4.67 17.77 26.10
N GLY B 75 -5.89 18.06 26.54
CA GLY B 75 -6.12 18.97 27.65
C GLY B 75 -5.98 20.42 27.22
N VAL B 76 -6.00 20.64 25.91
CA VAL B 76 -5.90 21.99 25.36
C VAL B 76 -7.27 22.59 25.12
N THR B 77 -7.73 23.42 26.05
CA THR B 77 -9.11 23.89 26.05
C THR B 77 -9.23 25.32 25.52
N ASP B 78 -8.11 25.88 25.06
CA ASP B 78 -8.10 27.25 24.56
C ASP B 78 -9.02 27.42 23.36
N ASN B 79 -9.60 28.61 23.24
CA ASN B 79 -10.46 28.94 22.10
C ASN B 79 -9.60 29.39 20.91
N LEU B 80 -9.63 28.61 19.84
CA LEU B 80 -8.84 28.94 18.65
C LEU B 80 -9.49 30.03 17.81
N GLY B 81 -10.73 30.37 18.15
CA GLY B 81 -11.43 31.48 17.52
C GLY B 81 -12.16 31.09 16.25
N ASP B 82 -12.35 29.79 16.05
CA ASP B 82 -13.03 29.29 14.87
C ASP B 82 -14.15 28.31 15.21
N SER B 83 -15.39 28.78 15.10
CA SER B 83 -16.56 27.99 15.49
C SER B 83 -16.74 26.77 14.62
N LEU B 84 -16.45 26.91 13.33
CA LEU B 84 -16.60 25.81 12.38
C LEU B 84 -15.63 24.67 12.71
N PHE B 85 -14.38 25.03 12.96
CA PHE B 85 -13.38 24.07 13.43
C PHE B 85 -13.84 23.39 14.72
N ALA B 86 -14.33 24.18 15.67
CA ALA B 86 -14.76 23.65 16.95
C ALA B 86 -15.82 22.57 16.78
N ASN B 87 -16.77 22.80 15.88
CA ASN B 87 -17.91 21.91 15.77
C ASN B 87 -17.69 20.72 14.84
N GLY B 88 -16.67 20.82 14.00
CA GLY B 88 -16.28 19.71 13.12
C GLY B 88 -17.06 19.70 11.82
N GLN B 89 -16.54 18.98 10.82
CA GLN B 89 -17.07 19.10 9.48
C GLN B 89 -18.40 18.38 9.30
N ALA B 90 -18.60 17.30 10.06
CA ALA B 90 -19.85 16.54 9.97
C ALA B 90 -21.06 17.40 10.31
N LYS B 91 -20.93 18.26 11.32
CA LYS B 91 -22.01 19.17 11.68
C LYS B 91 -22.20 20.24 10.62
N ASP B 92 -21.15 20.48 9.83
CA ASP B 92 -21.17 21.55 8.83
C ASP B 92 -21.66 21.06 7.47
N ALA B 93 -21.91 19.76 7.36
CA ALA B 93 -22.26 19.15 6.07
C ALA B 93 -23.52 19.78 5.47
N THR B 94 -24.48 20.11 6.32
CA THR B 94 -25.75 20.67 5.85
C THR B 94 -25.54 22.03 5.16
N SER B 95 -24.48 22.73 5.55
CA SER B 95 -24.12 23.98 4.90
C SER B 95 -23.84 23.77 3.42
N PHE B 96 -23.48 22.55 3.05
CA PHE B 96 -23.11 22.25 1.68
C PHE B 96 -24.19 21.41 0.99
N LYS B 97 -25.39 21.43 1.56
CA LYS B 97 -26.50 20.63 1.05
C LYS B 97 -26.05 19.20 0.82
N GLU B 98 -25.65 18.55 1.91
CA GLU B 98 -24.89 17.31 1.84
C GLU B 98 -25.27 16.43 3.03
N SER B 99 -25.45 15.15 2.77
CA SER B 99 -25.73 14.18 3.83
C SER B 99 -24.46 13.42 4.19
N THR B 100 -24.31 13.11 5.48
CA THR B 100 -23.15 12.34 5.93
C THR B 100 -23.35 10.84 5.77
N SER B 101 -24.45 10.47 5.12
CA SER B 101 -24.80 9.05 4.98
C SER B 101 -23.89 8.34 3.97
N SER B 102 -23.25 9.11 3.10
CA SER B 102 -22.34 8.55 2.12
C SER B 102 -20.88 8.74 2.53
N TRP B 103 -20.68 9.27 3.74
CA TRP B 103 -19.35 9.56 4.25
C TRP B 103 -18.64 8.29 4.67
N VAL B 104 -17.32 8.28 4.56
CA VAL B 104 -16.49 7.40 5.38
C VAL B 104 -17.00 7.47 6.82
N PRO B 105 -17.41 6.31 7.37
CA PRO B 105 -18.04 6.30 8.69
C PRO B 105 -17.22 7.05 9.74
N GLN B 106 -15.89 6.94 9.66
CA GLN B 106 -15.02 7.55 10.66
C GLN B 106 -15.05 9.07 10.62
N PHE B 107 -15.39 9.64 9.46
CA PHE B 107 -15.52 11.10 9.32
C PHE B 107 -16.85 11.59 9.90
N ALA B 108 -17.86 10.71 9.91
CA ALA B 108 -19.20 11.11 10.29
C ALA B 108 -19.37 11.13 11.81
N GLY B 109 -18.65 12.05 12.45
CA GLY B 109 -18.57 12.11 13.90
C GLY B 109 -17.38 12.99 14.26
N THR B 110 -16.93 12.92 15.51
CA THR B 110 -15.73 13.63 15.92
C THR B 110 -14.76 12.72 16.70
N GLY B 111 -14.71 11.46 16.29
CA GLY B 111 -13.82 10.49 16.92
C GLY B 111 -12.38 10.66 16.50
N ILE B 112 -12.18 11.24 15.32
CA ILE B 112 -10.83 11.48 14.80
C ILE B 112 -10.22 12.67 15.52
N HIS B 113 -9.03 12.48 16.06
CA HIS B 113 -8.39 13.51 16.88
C HIS B 113 -7.33 14.26 16.10
N GLY B 114 -6.86 13.67 15.01
CA GLY B 114 -5.74 14.25 14.27
C GLY B 114 -5.50 13.59 12.93
N VAL B 115 -4.68 14.22 12.12
CA VAL B 115 -4.17 13.60 10.92
C VAL B 115 -2.67 13.81 10.85
N ILE B 116 -1.94 12.73 10.56
CA ILE B 116 -0.54 12.85 10.18
C ILE B 116 -0.46 12.78 8.67
N ILE B 117 0.14 13.80 8.06
CA ILE B 117 0.42 13.78 6.64
C ILE B 117 1.86 13.34 6.38
N LEU B 118 2.02 12.16 5.77
CA LEU B 118 3.32 11.68 5.36
C LEU B 118 3.45 11.84 3.85
N ALA B 119 4.59 12.36 3.39
CA ALA B 119 4.84 12.51 1.96
C ALA B 119 6.24 12.04 1.61
N SER B 120 6.33 11.26 0.54
CA SER B 120 7.63 10.78 0.06
C SER B 120 7.50 10.39 -1.40
N ASP B 121 8.63 10.18 -2.06
CA ASP B 121 8.60 9.83 -3.48
C ASP B 121 8.40 8.33 -3.69
N THR B 122 8.45 7.55 -2.61
CA THR B 122 8.04 6.14 -2.69
C THR B 122 7.08 5.76 -1.57
N THR B 123 6.20 4.81 -1.87
CA THR B 123 5.27 4.30 -0.87
C THR B 123 6.00 3.52 0.23
N ASP B 124 7.11 2.90 -0.12
CA ASP B 124 7.88 2.12 0.85
C ASP B 124 8.39 2.98 2.00
N LEU B 125 8.89 4.17 1.66
CA LEU B 125 9.38 5.10 2.66
C LEU B 125 8.26 5.59 3.58
N ILE B 126 7.09 5.85 3.00
CA ILE B 126 5.92 6.19 3.80
C ILE B 126 5.53 5.04 4.74
N ASP B 127 5.44 3.84 4.20
CA ASP B 127 5.01 2.67 4.96
C ASP B 127 5.95 2.39 6.13
N GLN B 128 7.24 2.58 5.91
CA GLN B 128 8.22 2.35 6.97
C GLN B 128 8.08 3.43 8.04
N GLN B 129 7.73 4.64 7.62
CA GLN B 129 7.53 5.73 8.56
C GLN B 129 6.28 5.53 9.40
N VAL B 130 5.23 4.98 8.79
CA VAL B 130 4.02 4.63 9.52
C VAL B 130 4.34 3.58 10.59
N ALA B 131 5.09 2.56 10.21
CA ALA B 131 5.48 1.52 11.15
C ALA B 131 6.24 2.12 12.33
N SER B 132 7.12 3.08 12.04
CA SER B 132 7.94 3.70 13.07
C SER B 132 7.11 4.57 14.02
N ILE B 133 6.16 5.31 13.46
CA ILE B 133 5.25 6.10 14.28
C ILE B 133 4.41 5.20 15.17
N GLU B 134 3.88 4.13 14.60
CA GLU B 134 3.02 3.22 15.35
C GLU B 134 3.77 2.54 16.49
N SER B 135 5.01 2.12 16.23
CA SER B 135 5.80 1.47 17.27
C SER B 135 6.22 2.46 18.35
N THR B 136 6.48 3.70 17.94
CA THR B 136 6.88 4.75 18.86
C THR B 136 5.76 5.09 19.84
N PHE B 137 4.57 5.31 19.30
CA PHE B 137 3.42 5.68 20.12
C PHE B 137 2.77 4.49 20.83
N GLY B 138 3.01 3.28 20.32
CA GLY B 138 2.36 2.10 20.87
C GLY B 138 0.86 2.27 20.93
N SER B 139 0.26 1.86 22.04
CA SER B 139 -1.20 1.91 22.17
C SER B 139 -1.74 3.29 22.58
N SER B 140 -0.86 4.28 22.67
CA SER B 140 -1.31 5.65 22.93
C SER B 140 -1.98 6.27 21.71
N ILE B 141 -1.91 5.58 20.58
CA ILE B 141 -2.51 6.04 19.34
C ILE B 141 -3.31 4.91 18.71
N SER B 142 -4.43 5.26 18.07
CA SER B 142 -5.19 4.30 17.27
C SER B 142 -5.45 4.86 15.88
N LYS B 143 -5.13 4.06 14.86
CA LYS B 143 -5.51 4.41 13.50
C LYS B 143 -7.01 4.19 13.31
N LEU B 144 -7.71 5.24 12.88
CA LEU B 144 -9.14 5.16 12.61
C LEU B 144 -9.41 5.00 11.12
N TYR B 145 -8.57 5.62 10.30
CA TYR B 145 -8.77 5.63 8.85
C TYR B 145 -7.48 6.16 8.21
N SER B 146 -7.22 5.74 6.98
CA SER B 146 -6.17 6.39 6.19
C SER B 146 -6.54 6.44 4.72
N LEU B 147 -5.99 7.44 4.03
CA LEU B 147 -6.16 7.55 2.59
C LEU B 147 -4.82 7.74 1.92
N SER B 148 -4.46 6.83 1.02
CA SER B 148 -3.24 6.94 0.24
C SER B 148 -3.50 7.74 -1.03
N ALA B 149 -2.52 8.56 -1.41
CA ALA B 149 -2.66 9.47 -2.54
C ALA B 149 -1.36 9.58 -3.33
N SER B 150 -1.47 10.02 -4.57
CA SER B 150 -0.31 10.07 -5.46
C SER B 150 -0.50 11.08 -6.59
N ILE B 151 0.59 11.74 -6.95
CA ILE B 151 0.66 12.42 -8.24
C ILE B 151 0.37 11.40 -9.35
N ARG B 152 -0.37 11.83 -10.37
CA ARG B 152 -0.72 10.94 -11.47
C ARG B 152 0.49 10.69 -12.36
N PRO B 153 0.43 9.63 -13.19
CA PRO B 153 1.61 9.12 -13.88
C PRO B 153 1.97 9.94 -15.11
N GLY B 154 3.25 9.96 -15.44
CA GLY B 154 3.71 10.41 -16.75
C GLY B 154 3.29 11.83 -17.06
N ASN B 155 2.63 12.00 -18.21
CA ASN B 155 2.21 13.32 -18.67
C ASN B 155 1.03 13.90 -17.89
N GLU B 156 0.44 13.07 -17.03
CA GLU B 156 -0.70 13.51 -16.22
C GLU B 156 -0.25 13.96 -14.84
N ALA B 157 1.06 13.98 -14.62
CA ALA B 157 1.61 14.45 -13.36
C ALA B 157 1.31 15.93 -13.15
N GLY B 158 0.66 16.24 -12.03
CA GLY B 158 0.20 17.60 -11.75
C GLY B 158 -1.23 17.82 -12.19
N HIS B 159 -1.80 16.84 -12.88
CA HIS B 159 -3.21 16.88 -13.27
C HIS B 159 -4.05 16.10 -12.27
N GLU B 160 -5.29 16.53 -12.04
CA GLU B 160 -6.22 15.75 -11.24
C GLU B 160 -6.95 14.73 -12.12
N MET B 161 -7.86 13.97 -11.52
CA MET B 161 -8.38 12.76 -12.15
C MET B 161 -9.20 13.03 -13.41
N PHE B 162 -9.82 14.22 -13.49
CA PHE B 162 -10.56 14.59 -14.70
C PHE B 162 -9.62 14.95 -15.84
N GLY B 163 -8.35 15.19 -15.52
CA GLY B 163 -7.32 15.38 -16.53
C GLY B 163 -6.78 16.79 -16.63
N PHE B 164 -7.26 17.68 -15.75
CA PHE B 164 -6.83 19.08 -15.79
C PHE B 164 -5.63 19.36 -14.89
N LEU B 165 -4.68 20.13 -15.40
CA LEU B 165 -3.59 20.65 -14.59
C LEU B 165 -4.18 21.43 -13.42
N ASP B 166 -3.73 21.14 -12.20
CA ASP B 166 -4.57 21.40 -11.03
C ASP B 166 -3.96 22.29 -9.96
N GLY B 167 -2.71 22.70 -10.14
CA GLY B 167 -2.01 23.43 -9.08
C GLY B 167 -1.38 24.73 -9.54
N ILE B 168 -2.09 25.47 -10.39
CA ILE B 168 -1.55 26.69 -10.96
C ILE B 168 -1.74 27.88 -10.02
N ALA B 169 -2.94 28.01 -9.47
CA ALA B 169 -3.36 29.25 -8.83
C ALA B 169 -3.34 29.16 -7.30
N GLN B 170 -2.56 30.04 -6.67
CA GLN B 170 -2.59 30.20 -5.22
C GLN B 170 -2.52 31.69 -4.88
N PRO B 171 -2.97 32.07 -3.69
CA PRO B 171 -2.73 33.44 -3.23
C PRO B 171 -1.25 33.67 -2.97
N ALA B 172 -0.75 34.83 -3.38
CA ALA B 172 0.59 35.24 -2.96
C ALA B 172 0.49 35.94 -1.61
N ILE B 173 1.29 35.47 -0.65
CA ILE B 173 1.35 36.08 0.67
C ILE B 173 2.25 37.30 0.65
N ASN B 174 1.63 38.47 0.78
CA ASN B 174 2.37 39.73 0.80
C ASN B 174 3.53 39.68 1.78
N GLY B 175 4.75 39.84 1.27
CA GLY B 175 5.94 39.86 2.10
C GLY B 175 6.65 38.53 2.19
N PHE B 176 6.01 37.48 1.68
CA PHE B 176 6.63 36.17 1.63
C PHE B 176 6.82 35.70 0.19
N ASN B 177 5.73 35.69 -0.56
CA ASN B 177 5.77 35.31 -1.97
C ASN B 177 6.14 36.47 -2.87
N THR B 178 6.92 36.19 -3.91
CA THR B 178 7.04 37.10 -5.04
C THR B 178 5.92 36.82 -6.03
N PRO B 179 5.00 37.80 -6.20
CA PRO B 179 3.76 37.54 -6.92
C PRO B 179 3.99 37.26 -8.40
N LEU B 180 3.25 36.30 -8.95
CA LEU B 180 3.20 36.08 -10.38
C LEU B 180 2.11 36.96 -11.00
N PRO B 181 2.22 37.24 -12.30
CA PRO B 181 1.22 38.06 -12.98
C PRO B 181 -0.20 37.54 -12.79
N GLY B 182 -1.09 38.40 -12.29
CA GLY B 182 -2.49 38.08 -12.18
C GLY B 182 -2.83 37.42 -10.85
N GLN B 183 -1.79 36.97 -10.15
CA GLN B 183 -1.95 36.33 -8.85
C GLN B 183 -2.50 37.32 -7.83
N ASN B 184 -3.46 36.88 -7.02
CA ASN B 184 -3.89 37.69 -5.89
C ASN B 184 -2.80 37.82 -4.83
N ILE B 185 -2.73 38.99 -4.20
CA ILE B 185 -1.77 39.25 -3.14
C ILE B 185 -2.54 39.58 -1.87
N VAL B 186 -2.30 38.82 -0.81
CA VAL B 186 -3.09 38.92 0.41
C VAL B 186 -2.20 39.01 1.65
N ASP B 187 -2.76 39.55 2.73
CA ASP B 187 -2.08 39.60 4.01
C ASP B 187 -1.82 38.18 4.53
N ALA B 188 -0.69 37.98 5.17
CA ALA B 188 -0.33 36.66 5.69
C ALA B 188 -1.45 36.07 6.55
N GLY B 189 -2.20 36.93 7.22
CA GLY B 189 -3.19 36.48 8.21
C GLY B 189 -4.47 35.92 7.61
N VAL B 190 -4.60 35.99 6.29
CA VAL B 190 -5.68 35.30 5.60
C VAL B 190 -5.49 33.79 5.66
N ILE B 191 -4.23 33.37 5.70
CA ILE B 191 -3.89 31.94 5.68
C ILE B 191 -3.31 31.48 7.00
N ILE B 192 -2.47 32.32 7.60
CA ILE B 192 -1.75 31.94 8.81
C ILE B 192 -2.42 32.57 10.02
N THR B 193 -2.88 31.75 10.95
CA THR B 193 -3.51 32.27 12.16
C THR B 193 -2.54 33.12 12.99
N GLY B 194 -2.96 34.34 13.29
CA GLY B 194 -2.15 35.24 14.12
C GLY B 194 -1.18 36.08 13.32
N ALA B 195 -1.10 35.84 12.02
CA ALA B 195 -0.20 36.61 11.16
C ALA B 195 -0.84 37.91 10.70
N THR B 196 -0.11 38.69 9.92
CA THR B 196 -0.50 40.07 9.63
C THR B 196 -1.96 40.23 9.24
N ASN B 197 -2.69 41.02 10.02
CA ASN B 197 -4.08 41.38 9.70
C ASN B 197 -5.09 40.26 9.83
N ASP B 198 -4.70 39.18 10.52
CA ASP B 198 -5.69 38.26 11.07
C ASP B 198 -6.43 38.95 12.22
N PRO B 199 -7.73 39.23 12.04
CA PRO B 199 -8.46 40.00 13.03
C PRO B 199 -8.83 39.18 14.27
N ILE B 200 -8.69 37.87 14.18
CA ILE B 200 -9.17 36.97 15.23
C ILE B 200 -8.08 36.68 16.25
N THR B 201 -8.39 36.92 17.53
CA THR B 201 -7.45 36.60 18.60
C THR B 201 -7.23 35.10 18.69
N ARG B 202 -5.97 34.70 18.73
CA ARG B 202 -5.59 33.29 18.88
C ARG B 202 -4.75 33.12 20.13
N PRO B 203 -4.72 31.90 20.69
CA PRO B 203 -3.72 31.54 21.67
C PRO B 203 -2.32 31.78 21.10
N SER B 204 -1.40 32.32 21.89
CA SER B 204 -0.06 32.62 21.37
C SER B 204 0.60 31.40 20.72
N TRP B 205 0.38 30.22 21.29
CA TRP B 205 1.02 29.01 20.77
C TRP B 205 0.50 28.65 19.38
N ALA B 206 -0.62 29.25 18.99
CA ALA B 206 -1.28 28.93 17.72
C ALA B 206 -0.88 29.88 16.60
N VAL B 207 -0.15 30.94 16.95
CA VAL B 207 0.33 31.88 15.94
C VAL B 207 1.38 31.21 15.04
N GLY B 208 1.09 31.18 13.74
CA GLY B 208 1.92 30.44 12.80
C GLY B 208 1.23 29.21 12.24
N GLY B 209 0.01 28.94 12.73
CA GLY B 209 -0.73 27.78 12.28
C GLY B 209 -1.69 28.08 11.15
N SER B 210 -2.52 27.11 10.80
CA SER B 210 -3.57 27.30 9.80
C SER B 210 -4.62 26.20 9.94
N PHE B 211 -5.84 26.51 9.55
CA PHE B 211 -6.90 25.50 9.55
C PHE B 211 -6.87 24.70 8.27
N LEU B 212 -6.90 23.39 8.42
CA LEU B 212 -6.83 22.45 7.31
C LEU B 212 -8.23 21.87 7.11
N ALA B 213 -8.84 22.19 5.98
CA ALA B 213 -10.08 21.53 5.59
C ALA B 213 -9.77 20.35 4.68
N PHE B 214 -10.06 19.14 5.15
CA PHE B 214 -9.84 17.95 4.35
C PHE B 214 -11.17 17.42 3.82
N ARG B 215 -11.15 17.05 2.54
CA ARG B 215 -12.34 16.48 1.90
C ARG B 215 -11.90 15.34 0.99
N GLN B 216 -12.49 14.17 1.20
CA GLN B 216 -12.29 13.06 0.27
C GLN B 216 -13.37 13.13 -0.81
N LEU B 217 -12.98 13.60 -1.98
CA LEU B 217 -13.94 13.85 -3.06
C LEU B 217 -13.75 12.82 -4.19
N GLU B 218 -14.64 11.84 -4.25
CA GLU B 218 -14.62 10.88 -5.34
C GLU B 218 -15.01 11.57 -6.64
N GLN B 219 -14.25 11.29 -7.69
CA GLN B 219 -14.56 11.82 -9.02
C GLN B 219 -15.00 10.69 -9.95
N LEU B 220 -16.17 10.86 -10.55
CA LEU B 220 -16.72 9.86 -11.47
C LEU B 220 -16.28 10.16 -12.89
N VAL B 221 -15.12 9.64 -13.27
CA VAL B 221 -14.38 10.15 -14.41
C VAL B 221 -14.96 9.69 -15.75
N PRO B 222 -15.30 8.40 -15.86
CA PRO B 222 -15.94 7.90 -17.08
C PRO B 222 -17.30 8.57 -17.30
N GLU B 223 -18.05 8.74 -16.23
CA GLU B 223 -19.35 9.42 -16.29
C GLU B 223 -19.18 10.88 -16.74
N PHE B 224 -18.16 11.54 -16.21
CA PHE B 224 -17.83 12.91 -16.61
C PHE B 224 -17.54 12.98 -18.11
N ASN B 225 -16.76 12.03 -18.60
CA ASN B 225 -16.35 12.02 -20.00
C ASN B 225 -17.51 11.72 -20.93
N LYS B 226 -18.41 10.84 -20.49
CA LYS B 226 -19.60 10.51 -21.27
C LYS B 226 -20.57 11.68 -21.34
N TYR B 227 -20.73 12.39 -20.22
CA TYR B 227 -21.61 13.55 -20.20
C TYR B 227 -21.18 14.60 -21.20
N LEU B 228 -19.88 14.87 -21.24
CA LEU B 228 -19.33 15.88 -22.15
C LEU B 228 -19.62 15.50 -23.60
N LEU B 229 -19.35 14.23 -23.93
CA LEU B 229 -19.64 13.72 -25.27
C LEU B 229 -21.11 13.89 -25.62
N ASP B 230 -21.98 13.52 -24.69
CA ASP B 230 -23.42 13.59 -24.92
C ASP B 230 -23.90 15.02 -25.13
N ASN B 231 -23.67 15.87 -24.14
CA ASN B 231 -24.24 17.21 -24.14
C ASN B 231 -23.30 18.26 -24.74
N ALA B 232 -22.33 17.82 -25.52
CA ALA B 232 -21.38 18.72 -26.17
C ALA B 232 -22.10 19.72 -27.06
N PRO B 233 -21.53 20.93 -27.20
CA PRO B 233 -22.14 21.97 -28.02
C PRO B 233 -22.04 21.66 -29.50
N ALA B 234 -23.18 21.67 -30.19
CA ALA B 234 -23.19 21.63 -31.65
C ALA B 234 -22.17 22.61 -32.19
N GLY B 235 -21.46 22.20 -33.24
CA GLY B 235 -20.39 23.02 -33.79
C GLY B 235 -19.62 22.30 -34.88
N SER B 236 -18.51 22.90 -35.30
CA SER B 236 -17.79 22.45 -36.48
C SER B 236 -16.85 21.29 -36.19
N GLY B 237 -16.12 21.38 -35.08
CA GLY B 237 -15.08 20.40 -34.77
C GLY B 237 -15.61 19.01 -34.51
N SER B 238 -14.70 18.06 -34.31
CA SER B 238 -15.09 16.70 -33.95
C SER B 238 -15.84 16.68 -32.62
N LEU B 239 -16.54 15.59 -32.35
CA LEU B 239 -17.29 15.46 -31.11
C LEU B 239 -16.39 15.58 -29.89
N GLN B 240 -15.18 15.03 -30.00
CA GLN B 240 -14.22 15.03 -28.89
C GLN B 240 -13.72 16.44 -28.59
N ALA B 241 -13.39 17.18 -29.64
CA ALA B 241 -12.94 18.55 -29.50
C ALA B 241 -14.02 19.44 -28.91
N ARG B 242 -15.27 19.19 -29.31
CA ARG B 242 -16.41 19.93 -28.77
C ARG B 242 -16.73 19.48 -27.34
N ALA B 243 -16.47 18.21 -27.05
CA ALA B 243 -16.57 17.70 -25.69
C ALA B 243 -15.54 18.35 -24.78
N ASP B 244 -14.29 18.40 -25.26
CA ASP B 244 -13.21 19.04 -24.51
C ASP B 244 -13.57 20.48 -24.19
N LEU B 245 -14.16 21.18 -25.16
CA LEU B 245 -14.56 22.57 -24.96
C LEU B 245 -15.51 22.70 -23.77
N LEU B 246 -16.53 21.85 -23.73
CA LEU B 246 -17.51 21.89 -22.65
C LEU B 246 -16.85 21.63 -21.31
N GLY B 247 -15.98 20.63 -21.25
CA GLY B 247 -15.18 20.37 -20.07
C GLY B 247 -14.41 21.59 -19.61
N ALA B 248 -13.69 22.23 -20.53
CA ALA B 248 -12.87 23.39 -20.22
C ALA B 248 -13.74 24.57 -19.77
N ARG B 249 -14.92 24.70 -20.37
CA ARG B 249 -15.87 25.74 -19.97
C ARG B 249 -16.39 25.49 -18.57
N MET B 250 -16.40 24.22 -18.15
CA MET B 250 -16.83 23.88 -16.80
C MET B 250 -15.77 24.27 -15.77
N VAL B 251 -14.51 24.01 -16.10
CA VAL B 251 -13.41 24.26 -15.17
C VAL B 251 -12.99 25.72 -15.18
N GLY B 252 -13.00 26.33 -16.36
CA GLY B 252 -12.41 27.65 -16.54
C GLY B 252 -11.00 27.57 -17.09
N ARG B 253 -10.50 26.35 -17.22
CA ARG B 253 -9.19 26.11 -17.82
C ARG B 253 -9.26 24.91 -18.76
N TRP B 254 -8.40 24.90 -19.77
CA TRP B 254 -8.18 23.69 -20.55
C TRP B 254 -7.33 22.73 -19.73
N LYS B 255 -7.29 21.47 -20.14
CA LYS B 255 -6.56 20.43 -19.40
C LYS B 255 -5.06 20.76 -19.32
N SER B 256 -4.59 21.53 -20.29
CA SER B 256 -3.20 22.00 -20.30
C SER B 256 -2.96 23.05 -19.22
N GLY B 257 -4.04 23.59 -18.67
CA GLY B 257 -3.93 24.68 -17.70
C GLY B 257 -4.10 26.05 -18.33
N ALA B 258 -4.21 26.10 -19.65
CA ALA B 258 -4.52 27.35 -20.34
C ALA B 258 -5.88 27.86 -19.90
N PRO B 259 -5.93 29.08 -19.35
CA PRO B 259 -7.19 29.63 -18.87
C PRO B 259 -8.10 30.04 -20.03
N ILE B 260 -9.34 29.55 -20.04
CA ILE B 260 -10.23 29.76 -21.17
C ILE B 260 -10.57 31.23 -21.37
N ASP B 261 -10.23 32.05 -20.37
CA ASP B 261 -10.47 33.48 -20.44
C ASP B 261 -9.46 34.19 -21.34
N LEU B 262 -8.28 33.59 -21.49
CA LEU B 262 -7.26 34.13 -22.38
C LEU B 262 -7.24 33.43 -23.74
N THR B 263 -7.97 32.33 -23.84
CA THR B 263 -8.09 31.59 -25.10
C THR B 263 -9.35 30.74 -25.11
N PRO B 264 -10.48 31.35 -25.48
CA PRO B 264 -11.82 30.87 -25.14
C PRO B 264 -12.26 29.63 -25.91
N THR B 265 -11.71 29.44 -27.11
CA THR B 265 -12.27 28.44 -28.03
C THR B 265 -11.24 27.43 -28.51
N ALA B 266 -9.97 27.69 -28.23
CA ALA B 266 -8.91 26.73 -28.52
C ALA B 266 -7.93 26.61 -27.36
N ASP B 267 -7.48 25.40 -27.10
CA ASP B 267 -6.44 25.17 -26.10
C ASP B 267 -5.13 25.81 -26.54
N ASP B 268 -4.28 26.12 -25.56
CA ASP B 268 -2.98 26.73 -25.83
C ASP B 268 -1.95 26.19 -24.85
N PRO B 269 -1.45 24.97 -25.10
CA PRO B 269 -0.56 24.26 -24.19
C PRO B 269 0.62 25.11 -23.73
N ALA B 270 1.17 25.92 -24.63
CA ALA B 270 2.32 26.75 -24.29
C ALA B 270 1.95 27.78 -23.23
N LEU B 271 0.75 28.37 -23.37
CA LEU B 271 0.23 29.27 -22.37
C LEU B 271 0.04 28.57 -21.03
N GLY B 272 -0.59 27.40 -21.06
CA GLY B 272 -0.85 26.64 -19.85
C GLY B 272 0.41 26.36 -19.05
N ALA B 273 1.52 26.18 -19.76
CA ALA B 273 2.78 25.78 -19.14
C ALA B 273 3.56 26.97 -18.60
N ASP B 274 3.08 28.17 -18.89
CA ASP B 274 3.82 29.39 -18.53
C ASP B 274 3.21 30.06 -17.31
N ALA B 275 3.87 29.95 -16.17
CA ALA B 275 3.38 30.54 -14.92
C ALA B 275 3.38 32.06 -15.00
N GLN B 276 4.01 32.59 -16.04
CA GLN B 276 4.09 34.04 -16.24
C GLN B 276 2.85 34.57 -16.95
N ARG B 277 2.03 33.67 -17.47
CA ARG B 277 0.90 34.08 -18.30
C ARG B 277 -0.40 33.36 -17.96
N ASN B 278 -0.30 32.14 -17.44
CA ASN B 278 -1.49 31.29 -17.28
C ASN B 278 -2.44 31.73 -16.18
N ASN B 279 -2.05 32.77 -15.44
CA ASN B 279 -2.93 33.35 -14.43
C ASN B 279 -3.06 34.86 -14.60
N ASN B 280 -2.52 35.36 -15.71
CA ASN B 280 -2.46 36.81 -15.94
C ASN B 280 -3.75 37.35 -16.55
N PHE B 281 -4.85 37.21 -15.82
CA PHE B 281 -6.15 37.67 -16.29
C PHE B 281 -7.05 38.11 -15.12
N THR B 282 -8.08 38.87 -15.43
CA THR B 282 -8.99 39.40 -14.41
C THR B 282 -10.42 39.01 -14.73
N TYR B 283 -10.64 38.51 -15.95
CA TYR B 283 -11.97 38.24 -16.47
C TYR B 283 -12.55 39.44 -17.20
N SER B 284 -11.82 40.55 -17.18
CA SER B 284 -12.24 41.77 -17.87
C SER B 284 -11.64 41.85 -19.27
N HIS B 285 -12.43 42.31 -20.23
CA HIS B 285 -12.00 42.38 -21.62
C HIS B 285 -12.46 43.67 -22.30
N ALA B 286 -11.50 44.45 -22.79
CA ALA B 286 -11.80 45.59 -23.66
C ALA B 286 -12.12 45.09 -25.06
N GLY B 287 -13.39 45.20 -25.45
CA GLY B 287 -14.41 45.81 -24.61
C GLY B 287 -15.71 45.05 -24.65
N PHE B 288 -15.89 44.16 -23.68
CA PHE B 288 -17.17 43.47 -23.48
C PHE B 288 -17.80 43.97 -22.19
N ASP B 289 -19.07 43.66 -21.99
CA ASP B 289 -19.76 43.98 -20.74
C ASP B 289 -19.56 42.87 -19.70
N LEU B 290 -18.69 43.14 -18.72
CA LEU B 290 -18.36 42.15 -17.70
C LEU B 290 -19.58 41.40 -17.17
N GLY B 291 -20.71 42.09 -17.10
CA GLY B 291 -21.87 41.57 -16.41
C GLY B 291 -22.74 40.63 -17.23
N SER B 292 -22.47 40.55 -18.53
CA SER B 292 -23.33 39.81 -19.45
C SER B 292 -22.53 38.80 -20.27
N ASP B 293 -21.24 39.07 -20.46
CA ASP B 293 -20.42 38.31 -21.38
C ASP B 293 -19.93 36.99 -20.78
N GLN B 294 -20.54 35.89 -21.19
CA GLN B 294 -20.09 34.56 -20.81
C GLN B 294 -19.38 33.86 -21.96
N SER B 295 -18.78 34.63 -22.87
CA SER B 295 -18.20 34.07 -24.08
C SER B 295 -16.73 33.69 -23.90
N HIS B 296 -16.03 34.41 -23.04
CA HIS B 296 -14.66 34.05 -22.67
C HIS B 296 -14.65 32.97 -21.59
N CYS B 297 -15.51 33.14 -20.59
CA CYS B 297 -15.60 32.19 -19.49
C CYS B 297 -16.99 32.25 -18.85
N PRO B 298 -17.63 31.10 -18.67
CA PRO B 298 -18.94 31.08 -18.03
C PRO B 298 -18.86 31.65 -16.62
N PHE B 299 -19.93 32.31 -16.18
CA PHE B 299 -19.99 32.82 -14.82
C PHE B 299 -19.96 31.67 -13.82
N SER B 300 -20.25 30.47 -14.32
CA SER B 300 -20.45 29.30 -13.48
C SER B 300 -19.20 28.44 -13.42
N ALA B 301 -18.18 28.80 -14.19
CA ALA B 301 -16.97 28.00 -14.29
C ALA B 301 -16.26 27.90 -12.95
N HIS B 302 -15.70 26.71 -12.68
CA HIS B 302 -15.19 26.40 -11.36
C HIS B 302 -14.30 27.49 -10.79
N ILE B 303 -13.27 27.86 -11.53
CA ILE B 303 -12.28 28.81 -11.02
C ILE B 303 -12.85 30.22 -10.87
N ARG B 304 -13.82 30.56 -11.72
CA ARG B 304 -14.48 31.85 -11.62
C ARG B 304 -15.37 31.88 -10.39
N LYS B 305 -16.01 30.76 -10.10
CA LYS B 305 -16.80 30.59 -8.89
C LYS B 305 -15.97 30.74 -7.63
N THR B 306 -14.73 30.25 -7.67
CA THR B 306 -13.91 30.14 -6.46
C THR B 306 -12.88 31.26 -6.30
N ARG B 307 -12.55 31.93 -7.40
CA ARG B 307 -11.89 33.23 -7.33
C ARG B 307 -12.43 34.19 -8.37
N PRO B 308 -13.50 34.93 -8.00
CA PRO B 308 -14.28 35.77 -8.91
C PRO B 308 -13.47 36.86 -9.60
N ARG B 309 -12.34 37.24 -9.01
CA ARG B 309 -11.53 38.34 -9.52
C ARG B 309 -12.40 39.57 -9.81
N ALA B 310 -12.34 40.08 -11.04
CA ALA B 310 -13.00 41.36 -11.36
C ALA B 310 -14.50 41.32 -11.12
N ASP B 311 -15.05 40.12 -11.00
CA ASP B 311 -16.48 39.96 -10.69
C ASP B 311 -16.86 40.57 -9.34
N LEU B 312 -15.88 40.72 -8.45
CA LEU B 312 -16.14 41.32 -7.15
C LEU B 312 -15.45 42.68 -7.02
N GLY B 313 -15.21 43.32 -8.16
CA GLY B 313 -14.66 44.66 -8.18
C GLY B 313 -13.15 44.65 -8.27
N GLY B 314 -12.53 45.80 -7.98
CA GLY B 314 -11.09 45.92 -8.05
C GLY B 314 -10.58 46.14 -9.46
N SER B 315 -9.28 45.93 -9.65
CA SER B 315 -8.60 46.31 -10.89
C SER B 315 -9.04 45.45 -12.07
N LEU B 316 -9.48 46.09 -13.13
CA LEU B 316 -9.87 45.39 -14.36
C LEU B 316 -8.63 44.90 -15.12
N THR B 317 -7.51 45.56 -14.87
CA THR B 317 -6.22 45.12 -15.39
C THR B 317 -5.46 44.32 -14.33
N PRO B 318 -4.75 43.28 -14.75
CA PRO B 318 -3.98 42.44 -13.83
C PRO B 318 -2.98 43.26 -13.02
N PRO B 319 -2.87 42.96 -11.72
CA PRO B 319 -3.61 41.87 -11.12
C PRO B 319 -4.87 42.39 -10.39
N ASN B 320 -5.96 41.64 -10.50
CA ASN B 320 -7.12 41.90 -9.66
C ASN B 320 -6.88 41.43 -8.23
N LEU B 321 -7.28 42.25 -7.26
CA LEU B 321 -6.96 41.99 -5.86
C LEU B 321 -8.22 41.81 -5.01
N SER B 322 -9.33 41.51 -5.66
CA SER B 322 -10.61 41.40 -4.97
C SER B 322 -10.67 40.20 -4.03
N ALA B 323 -11.48 40.33 -2.99
CA ALA B 323 -11.85 39.20 -2.14
C ALA B 323 -10.63 38.44 -1.64
N GLY B 324 -9.57 39.17 -1.32
CA GLY B 324 -8.35 38.58 -0.80
C GLY B 324 -8.60 37.72 0.43
N ALA B 325 -9.58 38.12 1.23
CA ALA B 325 -9.86 37.46 2.50
C ALA B 325 -10.54 36.11 2.31
N ASN B 326 -11.02 35.86 1.10
CA ASN B 326 -11.65 34.58 0.77
C ASN B 326 -10.72 33.63 0.05
N SER B 327 -9.41 33.88 0.17
CA SER B 327 -8.40 33.05 -0.47
C SER B 327 -8.17 31.77 0.33
N ILE B 328 -7.86 30.69 -0.37
CA ILE B 328 -7.37 29.47 0.26
C ILE B 328 -6.08 28.98 -0.38
N MET B 329 -5.21 28.37 0.42
CA MET B 329 -4.07 27.63 -0.12
C MET B 329 -4.48 26.18 -0.33
N ARG B 330 -4.27 25.69 -1.54
CA ARG B 330 -4.69 24.33 -1.90
C ARG B 330 -3.50 23.38 -1.94
N SER B 331 -3.63 22.25 -1.27
CA SER B 331 -2.57 21.25 -1.26
C SER B 331 -3.16 19.87 -1.51
N GLY B 332 -4.21 19.83 -2.32
CA GLY B 332 -4.84 18.57 -2.70
C GLY B 332 -3.93 17.68 -3.53
N ILE B 333 -4.28 16.40 -3.61
CA ILE B 333 -3.51 15.42 -4.35
C ILE B 333 -4.45 14.26 -4.69
N PRO B 334 -4.38 13.76 -5.93
CA PRO B 334 -5.31 12.73 -6.38
C PRO B 334 -5.15 11.43 -5.58
N TYR B 335 -6.22 10.63 -5.53
CA TYR B 335 -6.14 9.28 -4.98
C TYR B 335 -6.82 8.27 -5.89
N GLY B 336 -6.52 7.01 -5.68
CA GLY B 336 -7.18 5.93 -6.41
C GLY B 336 -6.41 5.56 -7.67
N PRO B 337 -6.86 4.49 -8.34
CA PRO B 337 -6.20 4.02 -9.55
C PRO B 337 -6.56 4.88 -10.75
N GLU B 338 -5.73 4.83 -11.78
CA GLU B 338 -6.09 5.38 -13.08
C GLU B 338 -7.33 4.66 -13.60
N VAL B 339 -8.10 5.33 -14.46
CA VAL B 339 -9.29 4.72 -15.04
C VAL B 339 -8.91 3.46 -15.82
N THR B 340 -9.64 2.37 -15.60
CA THR B 340 -9.33 1.10 -16.24
C THR B 340 -9.98 1.01 -17.62
N SER B 341 -9.51 0.06 -18.42
CA SER B 341 -10.08 -0.19 -19.74
C SER B 341 -11.57 -0.51 -19.63
N ALA B 342 -11.92 -1.33 -18.66
CA ALA B 342 -13.30 -1.78 -18.48
C ALA B 342 -14.22 -0.62 -18.13
N GLU B 343 -13.73 0.30 -17.30
CA GLU B 343 -14.49 1.48 -16.91
C GLU B 343 -14.65 2.45 -18.08
N SER B 344 -13.59 2.61 -18.85
CA SER B 344 -13.65 3.43 -20.07
C SER B 344 -14.72 2.92 -21.02
N ALA B 345 -14.71 1.60 -21.24
CA ALA B 345 -15.59 0.98 -22.23
C ALA B 345 -17.06 1.12 -21.84
N SER B 346 -17.34 1.04 -20.54
CA SER B 346 -18.72 0.97 -20.07
C SER B 346 -19.23 2.32 -19.59
N ASN B 347 -18.34 3.32 -19.56
CA ASN B 347 -18.68 4.64 -19.04
C ASN B 347 -19.13 4.60 -17.59
N THR B 348 -18.70 3.58 -16.86
CA THR B 348 -19.14 3.38 -15.48
C THR B 348 -17.97 3.17 -14.53
N THR B 349 -17.92 4.00 -13.48
CA THR B 349 -16.92 3.84 -12.43
C THR B 349 -17.19 2.58 -11.61
N THR B 350 -16.13 1.82 -11.34
CA THR B 350 -16.21 0.70 -10.40
C THR B 350 -15.15 0.82 -9.31
N GLN B 351 -14.06 1.51 -9.62
CA GLN B 351 -12.96 1.69 -8.66
C GLN B 351 -12.94 3.14 -8.19
N GLU B 352 -12.98 3.35 -6.88
CA GLU B 352 -13.03 4.71 -6.35
C GLU B 352 -11.73 5.46 -6.62
N ARG B 353 -11.87 6.64 -7.22
CA ARG B 353 -10.76 7.54 -7.44
C ARG B 353 -11.25 8.96 -7.22
N GLY B 354 -10.33 9.90 -7.05
CA GLY B 354 -10.71 11.30 -6.94
C GLY B 354 -9.63 12.19 -6.40
N LEU B 355 -10.05 13.20 -5.62
CA LEU B 355 -9.13 14.18 -5.08
C LEU B 355 -9.14 14.12 -3.56
N ALA B 356 -7.96 13.95 -2.96
CA ALA B 356 -7.79 14.22 -1.54
C ALA B 356 -7.61 15.71 -1.35
N PHE B 357 -8.74 16.40 -1.18
CA PHE B 357 -8.74 17.85 -1.24
C PHE B 357 -8.28 18.44 0.09
N VAL B 358 -7.32 19.37 0.02
CA VAL B 358 -6.78 20.01 1.22
C VAL B 358 -6.78 21.52 1.01
N ALA B 359 -7.45 22.25 1.90
CA ALA B 359 -7.44 23.70 1.85
C ALA B 359 -6.97 24.28 3.19
N TYR B 360 -6.07 25.26 3.11
CA TYR B 360 -5.61 25.97 4.30
C TYR B 360 -6.11 27.42 4.30
N GLN B 361 -6.46 27.90 5.49
CA GLN B 361 -6.98 29.25 5.66
C GLN B 361 -6.99 29.56 7.15
N ALA B 362 -6.94 30.85 7.50
CA ALA B 362 -6.96 31.24 8.90
C ALA B 362 -8.38 31.29 9.49
N GLN B 363 -9.37 31.43 8.60
CA GLN B 363 -10.78 31.37 9.00
C GLN B 363 -11.56 30.45 8.07
N LEU B 364 -12.08 29.36 8.62
CA LEU B 364 -12.89 28.44 7.81
C LEU B 364 -14.13 29.12 7.24
N SER B 365 -14.66 30.09 7.97
CA SER B 365 -15.85 30.83 7.54
C SER B 365 -15.59 31.72 6.33
N GLN B 366 -14.31 32.00 6.07
CA GLN B 366 -13.92 32.88 4.97
C GLN B 366 -13.34 32.10 3.80
N GLY B 367 -12.88 30.89 4.08
CA GLY B 367 -12.21 30.07 3.09
C GLY B 367 -13.09 28.97 2.54
N PHE B 368 -12.69 27.72 2.74
CA PHE B 368 -13.36 26.60 2.09
C PHE B 368 -14.87 26.64 2.28
N HIS B 369 -15.31 26.82 3.52
CA HIS B 369 -16.73 26.78 3.85
C HIS B 369 -17.50 27.84 3.07
N PHE B 370 -16.92 29.04 3.01
CA PHE B 370 -17.51 30.16 2.29
C PHE B 370 -17.56 29.90 0.78
N LEU B 371 -16.41 29.54 0.20
CA LEU B 371 -16.33 29.22 -1.22
C LEU B 371 -17.35 28.15 -1.63
N GLN B 372 -17.53 27.14 -0.79
CA GLN B 372 -18.44 26.04 -1.11
C GLN B 372 -19.90 26.45 -0.99
N GLN B 373 -20.27 27.00 0.16
CA GLN B 373 -21.66 27.34 0.43
C GLN B 373 -22.12 28.57 -0.35
N THR B 374 -21.37 29.66 -0.24
CA THR B 374 -21.85 30.98 -0.64
C THR B 374 -21.56 31.31 -2.09
N TRP B 375 -20.56 30.63 -2.66
CA TRP B 375 -20.20 30.86 -4.06
C TRP B 375 -20.60 29.67 -4.94
N ALA B 376 -19.96 28.54 -4.73
CA ALA B 376 -20.17 27.37 -5.60
C ALA B 376 -21.61 26.86 -5.58
N ASP B 377 -22.18 26.74 -4.39
CA ASP B 377 -23.52 26.17 -4.24
C ASP B 377 -24.61 27.21 -4.50
N ASN B 378 -24.19 28.43 -4.82
CA ASN B 378 -25.12 29.56 -4.91
C ASN B 378 -25.49 29.88 -6.35
N ALA B 379 -26.73 29.55 -6.73
CA ALA B 379 -27.19 29.73 -8.10
C ALA B 379 -27.14 31.20 -8.52
N ASN B 380 -27.03 32.09 -7.55
CA ASN B 380 -27.13 33.51 -7.82
C ASN B 380 -25.82 34.23 -7.64
N PHE B 381 -24.73 33.46 -7.64
CA PHE B 381 -23.39 34.02 -7.59
C PHE B 381 -22.61 33.60 -8.83
N PRO B 382 -21.83 34.52 -9.39
CA PRO B 382 -21.60 35.85 -8.81
C PRO B 382 -22.78 36.80 -9.04
N PRO B 383 -22.75 37.96 -8.37
CA PRO B 383 -23.82 38.96 -8.47
C PRO B 383 -23.67 39.82 -9.71
N GLY B 384 -24.72 40.55 -10.07
CA GLY B 384 -24.63 41.58 -11.09
C GLY B 384 -24.52 41.03 -12.50
N LYS B 385 -25.07 39.84 -12.71
CA LYS B 385 -25.01 39.19 -14.01
C LYS B 385 -26.38 39.10 -14.67
N THR B 386 -26.40 39.01 -16.00
CA THR B 386 -27.62 38.79 -16.75
C THR B 386 -27.39 37.72 -17.81
N PRO B 387 -28.22 36.68 -17.80
CA PRO B 387 -29.27 36.51 -16.80
C PRO B 387 -28.74 36.50 -15.37
N ALA B 388 -29.61 36.78 -14.40
CA ALA B 388 -29.22 36.85 -13.00
C ALA B 388 -28.76 35.49 -12.48
N THR B 389 -29.45 34.44 -12.92
CA THR B 389 -29.18 33.09 -12.42
C THR B 389 -27.96 32.48 -13.11
N VAL B 390 -26.84 32.48 -12.39
CA VAL B 390 -25.61 31.87 -12.89
C VAL B 390 -25.72 30.35 -12.86
N GLY B 391 -26.34 29.81 -11.82
CA GLY B 391 -26.38 28.37 -11.60
C GLY B 391 -25.25 27.92 -10.70
N LEU B 392 -25.13 26.60 -10.53
CA LEU B 392 -24.15 26.04 -9.61
C LEU B 392 -22.79 25.79 -10.28
N ASP B 393 -21.75 25.70 -9.46
CA ASP B 393 -20.46 25.19 -9.90
C ASP B 393 -20.65 23.77 -10.45
N PRO B 394 -20.27 23.55 -11.73
CA PRO B 394 -20.52 22.25 -12.36
C PRO B 394 -19.58 21.18 -11.81
N ILE B 395 -18.47 21.59 -11.22
CA ILE B 395 -17.49 20.65 -10.68
C ILE B 395 -17.82 20.28 -9.24
N ILE B 396 -17.94 21.29 -8.38
CA ILE B 396 -18.12 21.05 -6.95
C ILE B 396 -19.49 21.47 -6.41
N GLY B 397 -20.28 22.16 -7.24
CA GLY B 397 -21.61 22.59 -6.85
C GLY B 397 -22.52 21.45 -6.40
N GLN B 398 -23.15 21.62 -5.24
CA GLN B 398 -23.99 20.59 -4.66
C GLN B 398 -25.40 21.07 -4.37
N ASN B 399 -26.36 20.16 -4.44
CA ASN B 399 -27.74 20.43 -4.09
C ASN B 399 -28.48 19.17 -3.65
N ASN B 400 -28.07 18.61 -2.52
CA ASN B 400 -28.72 17.44 -1.93
C ASN B 400 -28.83 16.28 -2.91
N GLY B 401 -27.78 16.06 -3.70
CA GLY B 401 -27.69 14.88 -4.55
C GLY B 401 -28.50 15.02 -5.83
N GLN B 402 -29.28 16.09 -5.91
CA GLN B 402 -30.02 16.40 -7.13
C GLN B 402 -29.06 16.78 -8.24
N PRO B 403 -29.48 16.55 -9.50
CA PRO B 403 -28.75 17.14 -10.62
C PRO B 403 -28.64 18.65 -10.47
N ARG B 404 -27.53 19.21 -10.92
CA ARG B 404 -27.27 20.63 -10.75
C ARG B 404 -27.65 21.40 -12.02
N VAL B 405 -28.57 22.35 -11.87
CA VAL B 405 -28.86 23.27 -12.97
C VAL B 405 -27.74 24.31 -13.09
N VAL B 406 -27.07 24.28 -14.24
CA VAL B 406 -25.92 25.16 -14.48
C VAL B 406 -26.13 25.93 -15.79
N ASN B 407 -26.06 27.25 -15.71
CA ASN B 407 -26.30 28.09 -16.88
C ASN B 407 -25.01 28.67 -17.45
N GLY B 408 -25.00 28.94 -18.75
CA GLY B 408 -23.97 29.78 -19.36
C GLY B 408 -22.83 29.05 -20.03
N LEU B 409 -22.88 27.71 -19.99
CA LEU B 409 -21.74 26.91 -20.43
C LEU B 409 -21.64 26.79 -21.94
N LEU B 410 -22.79 26.76 -22.60
CA LEU B 410 -22.86 26.68 -24.06
C LEU B 410 -22.72 28.06 -24.68
N PRO B 411 -21.57 28.32 -25.32
CA PRO B 411 -21.20 29.66 -25.79
C PRO B 411 -21.96 30.07 -27.04
N SER B 412 -23.29 29.99 -26.99
CA SER B 412 -24.13 30.34 -28.13
C SER B 412 -25.51 30.77 -27.65
N ASN B 413 -25.87 30.33 -26.44
CA ASN B 413 -27.08 30.82 -25.77
C ASN B 413 -26.89 30.80 -24.25
N SER B 414 -26.36 31.90 -23.72
CA SER B 414 -25.98 31.96 -22.31
C SER B 414 -27.17 31.69 -21.39
N SER B 415 -28.37 31.69 -21.97
CA SER B 415 -29.58 31.36 -21.23
C SER B 415 -29.82 29.85 -21.18
N ALA B 416 -29.09 29.12 -22.02
CA ALA B 416 -29.28 27.67 -22.12
C ALA B 416 -28.80 26.95 -20.87
N SER B 417 -29.73 26.35 -20.13
CA SER B 417 -29.41 25.63 -18.92
C SER B 417 -28.88 24.23 -19.23
N LEU B 418 -28.36 23.56 -18.20
CA LEU B 418 -28.09 22.13 -18.27
C LEU B 418 -28.35 21.51 -16.89
N SER B 419 -28.99 20.35 -16.88
CA SER B 419 -29.19 19.60 -15.65
C SER B 419 -28.12 18.52 -15.50
N ILE B 420 -27.14 18.78 -14.64
CA ILE B 420 -25.91 17.99 -14.63
C ILE B 420 -25.82 17.14 -13.37
N PRO B 421 -25.78 15.81 -13.54
CA PRO B 421 -25.52 14.93 -12.42
C PRO B 421 -24.21 15.31 -11.75
N GLN B 422 -24.11 15.06 -10.44
CA GLN B 422 -22.84 15.22 -9.74
C GLN B 422 -21.78 14.30 -10.33
N PHE B 423 -20.62 14.87 -10.66
CA PHE B 423 -19.47 14.05 -11.03
C PHE B 423 -18.42 14.02 -9.91
N VAL B 424 -18.67 14.81 -8.86
CA VAL B 424 -17.85 14.77 -7.66
C VAL B 424 -18.72 14.42 -6.47
N VAL B 425 -18.39 13.31 -5.80
CA VAL B 425 -19.19 12.84 -4.68
C VAL B 425 -18.39 12.91 -3.38
N SER B 426 -18.88 13.71 -2.44
CA SER B 426 -18.17 13.86 -1.16
C SER B 426 -18.32 12.63 -0.28
N HIS B 427 -17.20 12.08 0.14
CA HIS B 427 -17.21 11.09 1.21
C HIS B 427 -16.78 11.71 2.53
N GLY B 428 -16.80 13.05 2.57
CA GLY B 428 -16.66 13.77 3.82
C GLY B 428 -15.21 14.02 4.20
N GLY B 429 -14.98 14.28 5.49
CA GLY B 429 -13.68 14.73 5.94
C GLY B 429 -13.78 15.42 7.28
N GLU B 430 -12.81 16.28 7.56
CA GLU B 430 -12.74 16.92 8.86
C GLU B 430 -11.97 18.24 8.78
N TYR B 431 -12.27 19.12 9.71
CA TYR B 431 -11.52 20.35 9.90
C TYR B 431 -10.44 20.11 10.95
N PHE B 432 -9.19 20.45 10.63
CA PHE B 432 -8.10 20.33 11.59
C PHE B 432 -7.41 21.67 11.81
N PHE B 433 -6.58 21.73 12.83
CA PHE B 433 -5.67 22.86 12.98
C PHE B 433 -4.23 22.36 12.88
N SER B 434 -3.50 22.88 11.90
N SER B 434 -3.52 22.84 11.87
CA SER B 434 -2.08 22.57 11.76
CA SER B 434 -2.09 22.60 11.77
C SER B 434 -1.25 23.59 12.53
C SER B 434 -1.35 23.63 12.59
N PRO B 435 -0.75 23.20 13.72
CA PRO B 435 -0.10 24.14 14.63
C PRO B 435 1.26 24.58 14.11
N PRO B 436 1.77 25.71 14.62
CA PRO B 436 3.16 26.02 14.37
C PRO B 436 4.06 24.96 14.98
N ILE B 437 5.23 24.76 14.41
CA ILE B 437 6.08 23.65 14.80
C ILE B 437 6.50 23.75 16.28
N SER B 438 6.73 24.98 16.73
CA SER B 438 7.05 25.22 18.14
C SER B 438 5.97 24.72 19.10
N ALA B 439 4.72 24.70 18.64
CA ALA B 439 3.62 24.27 19.49
C ALA B 439 3.60 22.76 19.69
N ILE B 440 4.22 22.04 18.76
CA ILE B 440 4.10 20.58 18.74
C ILE B 440 4.87 19.95 19.90
N GLY B 441 6.12 20.37 20.09
CA GLY B 441 6.88 19.99 21.27
C GLY B 441 6.73 21.02 22.37
N GLY B 442 5.97 22.06 22.09
CA GLY B 442 5.63 23.07 23.08
C GLY B 442 4.29 22.78 23.74
N ARG B 443 3.33 23.67 23.54
CA ARG B 443 2.07 23.61 24.28
C ARG B 443 1.35 22.27 24.18
N LEU B 444 1.30 21.70 22.98
CA LEU B 444 0.49 20.50 22.76
C LEU B 444 1.07 19.28 23.50
N SER B 445 2.33 19.39 23.89
CA SER B 445 3.00 18.29 24.60
C SER B 445 3.06 18.54 26.11
N ALA B 446 2.60 19.72 26.54
CA ALA B 446 2.74 20.13 27.93
C ALA B 446 1.62 19.55 28.78
C1 NAG C . 32.04 -30.59 -2.90
C2 NAG C . 33.16 -29.98 -3.73
C3 NAG C . 34.20 -31.03 -4.10
C4 NAG C . 34.63 -31.82 -2.87
C5 NAG C . 33.42 -32.29 -2.06
C6 NAG C . 33.86 -32.95 -0.76
C7 NAG C . 32.82 -28.08 -5.21
C8 NAG C . 32.23 -27.57 -6.48
N2 NAG C . 32.64 -29.38 -4.94
O3 NAG C . 35.33 -30.40 -4.67
O4 NAG C . 35.34 -32.96 -3.30
O5 NAG C . 32.61 -31.19 -1.75
O6 NAG C . 32.73 -33.41 -0.07
O7 NAG C . 33.43 -27.32 -4.44
C1 NAG C . 36.67 -32.94 -2.75
C2 NAG C . 37.25 -34.35 -2.90
C3 NAG C . 38.70 -34.40 -2.45
C4 NAG C . 39.50 -33.25 -3.07
C5 NAG C . 38.77 -31.94 -2.80
C6 NAG C . 39.55 -30.75 -3.37
C7 NAG C . 35.53 -36.03 -2.67
C8 NAG C . 34.79 -36.98 -1.77
N2 NAG C . 36.47 -35.28 -2.11
O3 NAG C . 39.26 -35.63 -2.85
O4 NAG C . 40.79 -33.20 -2.51
O5 NAG C . 37.49 -32.00 -3.39
O6 NAG C . 39.43 -30.74 -4.78
O7 NAG C . 35.25 -35.97 -3.86
C1 BMA C . 41.54 -34.33 -2.98
C2 BMA C . 42.95 -33.87 -3.35
C3 BMA C . 43.81 -35.04 -3.82
C4 BMA C . 43.71 -36.21 -2.85
C5 BMA C . 42.26 -36.54 -2.51
C6 BMA C . 42.17 -37.66 -1.49
O2 BMA C . 43.55 -33.24 -2.22
O3 BMA C . 45.17 -34.61 -3.92
O4 BMA C . 44.33 -37.37 -3.43
O5 BMA C . 41.63 -35.37 -2.01
O6 BMA C . 41.70 -38.85 -2.12
CHA HEM D . 15.59 -23.30 4.36
CHB HEM D . 14.05 -19.66 7.18
CHC HEM D . 9.64 -21.73 7.43
CHD HEM D . 11.31 -25.52 4.92
C1A HEM D . 15.52 -22.15 5.09
C2A HEM D . 16.59 -21.23 5.23
C3A HEM D . 16.17 -20.22 6.02
C4A HEM D . 14.83 -20.48 6.37
CMA HEM D . 16.96 -19.01 6.45
CAA HEM D . 17.98 -21.39 4.63
CBA HEM D . 18.02 -20.86 3.20
CGA HEM D . 18.17 -21.98 2.20
O1A HEM D . 18.80 -23.03 2.47
O2A HEM D . 17.66 -21.86 1.07
C1B HEM D . 12.71 -19.91 7.48
C2B HEM D . 11.89 -19.02 8.24
C3B HEM D . 10.64 -19.58 8.31
C4B HEM D . 10.72 -20.86 7.56
CMB HEM D . 12.32 -17.71 8.85
CAB HEM D . 9.44 -19.07 9.00
CBB HEM D . 9.12 -17.78 8.97
C1C HEM D . 9.72 -22.97 6.79
C2C HEM D . 8.71 -23.94 6.80
C3C HEM D . 9.19 -25.03 6.08
C4C HEM D . 10.50 -24.71 5.65
CMC HEM D . 7.35 -23.77 7.43
CAC HEM D . 8.46 -26.28 5.77
CBC HEM D . 7.69 -26.88 6.67
C1D HEM D . 12.60 -25.13 4.57
C2D HEM D . 13.39 -25.99 3.68
C3D HEM D . 14.58 -25.39 3.52
C4D HEM D . 14.50 -24.15 4.30
CMD HEM D . 12.94 -27.31 3.09
CAD HEM D . 15.75 -25.90 2.70
CBD HEM D . 16.41 -27.10 3.38
CGD HEM D . 17.46 -27.76 2.50
O1D HEM D . 17.19 -28.10 1.33
O2D HEM D . 18.61 -27.98 2.95
NA HEM D . 14.46 -21.69 5.83
NB HEM D . 11.98 -20.98 7.12
NC HEM D . 10.81 -23.48 6.17
ND HEM D . 13.30 -24.03 4.94
FE HEM D . 12.69 -22.58 5.98
C1 NAG E . 16.57 -5.59 25.22
C2 NAG E . 16.59 -4.67 26.43
C3 NAG E . 18.03 -4.32 26.80
C4 NAG E . 18.84 -5.60 26.96
C5 NAG E . 18.69 -6.48 25.71
C6 NAG E . 19.43 -7.79 25.86
C7 NAG E . 14.95 -3.03 27.07
C8 NAG E . 14.20 -1.76 26.74
N2 NAG E . 15.83 -3.46 26.18
O3 NAG E . 18.05 -3.59 28.00
O4 NAG E . 20.20 -5.29 27.16
O5 NAG E . 17.32 -6.76 25.52
O6 NAG E . 18.77 -8.58 26.82
O7 NAG E . 14.71 -3.64 28.12
C1 NAG F . 25.24 -31.25 29.72
C2 NAG F . 25.82 -31.09 31.12
C3 NAG F . 25.14 -32.07 32.08
C4 NAG F . 23.64 -31.88 32.00
C5 NAG F . 23.17 -31.98 30.56
C6 NAG F . 21.67 -31.74 30.46
C7 NAG F . 28.08 -30.27 31.35
C8 NAG F . 29.55 -30.58 31.33
N2 NAG F . 27.25 -31.29 31.12
O3 NAG F . 25.60 -31.84 33.40
O4 NAG F . 22.99 -32.87 32.79
O5 NAG F . 23.84 -31.03 29.76
O6 NAG F . 21.38 -30.46 30.98
O7 NAG F . 27.68 -29.12 31.57
AS CAC G . 34.63 -33.33 5.57
O1 CAC G . 34.81 -35.05 5.73
O2 CAC G . 34.52 -32.61 7.16
C1 CAC G . 36.19 -32.60 4.64
C2 CAC G . 33.02 -32.92 4.54
C FMT H . 10.81 -21.22 3.86
O1 FMT H . 10.73 -20.42 2.94
O2 FMT H . 12.00 -21.55 4.36
C FMT I . 7.76 -32.70 22.60
O1 FMT I . 8.79 -32.05 22.55
O2 FMT I . 6.85 -32.58 21.64
C1 GOL J . 2.93 -30.96 -17.85
O1 GOL J . 3.35 -29.60 -18.09
C2 GOL J . 4.16 -31.83 -17.61
O2 GOL J . 4.84 -32.02 -18.85
C3 GOL J . 3.72 -33.17 -17.03
O3 GOL J . 4.49 -34.22 -17.62
C GOA K . 12.47 -18.40 -1.21
CA GOA K . 12.39 -18.29 0.30
O GOA K . 13.26 -19.24 -1.70
OXT GOA K . 11.75 -17.67 -1.91
O2 GOA K . 11.20 -18.95 0.77
C1 GOL L . -1.05 4.99 -7.92
O1 GOL L . -1.05 6.34 -8.41
C2 GOL L . -1.56 4.07 -9.01
O2 GOL L . -2.47 4.77 -9.87
C3 GOL L . -2.25 2.87 -8.37
O3 GOL L . -3.14 2.26 -9.32
C1 GOL M . -7.44 -8.35 -16.45
O1 GOL M . -8.26 -7.20 -16.23
C2 GOL M . -6.06 -7.89 -16.92
O2 GOL M . -6.05 -6.46 -17.02
C3 GOL M . -5.75 -8.49 -18.28
O3 GOL M . -4.52 -7.94 -18.78
C1 GOL N . 21.12 -18.37 -3.84
O1 GOL N . 20.94 -16.95 -3.85
C2 GOL N . 22.51 -18.71 -4.38
O2 GOL N . 23.13 -19.70 -3.56
C3 GOL N . 23.37 -17.45 -4.43
O3 GOL N . 24.29 -17.46 -3.34
C1 GOL O . 3.38 -39.82 -15.07
O1 GOL O . 2.59 -39.77 -13.87
C2 GOL O . 3.91 -41.22 -15.27
O2 GOL O . 5.14 -41.37 -14.54
C3 GOL O . 2.90 -42.22 -14.74
O3 GOL O . 3.14 -42.46 -13.35
C1 GOL P . 1.85 -46.02 -11.27
O1 GOL P . 1.65 -44.69 -11.76
C2 GOL P . 0.85 -46.31 -10.15
O2 GOL P . 1.16 -45.47 -9.03
C3 GOL P . -0.56 -46.00 -10.65
O3 GOL P . -1.52 -46.26 -9.62
C1 GOL Q . 0.17 -38.38 -16.85
O1 GOL Q . -0.91 -37.89 -17.62
C2 GOL Q . 0.65 -39.73 -17.39
O2 GOL Q . 0.00 -40.78 -16.66
C3 GOL Q . 0.31 -39.83 -18.87
O3 GOL Q . -0.60 -40.91 -19.09
C1 GOL R . -3.61 -30.41 -21.48
O1 GOL R . -2.31 -30.78 -21.93
C2 GOL R . -4.19 -31.53 -20.61
O2 GOL R . -5.44 -31.13 -20.07
C3 GOL R . -3.21 -31.83 -19.47
O3 GOL R . -2.92 -30.62 -18.75
C1 GOL S . 21.47 -10.29 18.82
O1 GOL S . 21.06 -8.91 18.88
C2 GOL S . 21.60 -10.73 17.36
O2 GOL S . 22.31 -9.73 16.62
C3 GOL S . 22.34 -12.06 17.29
O3 GOL S . 22.46 -12.49 15.94
CHA HEM T . -8.75 25.57 -9.13
CHB HEM T . -10.38 21.07 -9.94
CHC HEM T . -12.52 21.03 -5.55
CHD HEM T . -11.28 25.68 -4.98
C1A HEM T . -9.01 24.35 -9.70
C2A HEM T . -8.53 23.93 -10.96
C3A HEM T . -8.99 22.68 -11.18
C4A HEM T . -9.75 22.29 -10.07
CMA HEM T . -8.71 21.84 -12.41
CAA HEM T . -7.68 24.74 -11.90
CBA HEM T . -6.20 24.61 -11.55
CGA HEM T . -5.70 25.89 -10.94
O1A HEM T . -6.21 26.99 -11.26
O2A HEM T . -4.77 25.86 -10.11
C1B HEM T . -11.07 20.66 -8.80
C2B HEM T . -11.63 19.36 -8.65
C3B HEM T . -12.24 19.32 -7.42
C4B HEM T . -12.02 20.67 -6.81
CMB HEM T . -11.57 18.23 -9.64
CAB HEM T . -12.95 18.20 -6.80
CBB HEM T . -12.54 16.95 -6.97
C1C HEM T . -12.40 22.32 -5.03
C2C HEM T . -13.04 22.77 -3.86
C3C HEM T . -12.68 24.11 -3.70
C4C HEM T . -11.83 24.45 -4.77
CMC HEM T . -13.91 21.94 -2.95
CAC HEM T . -13.09 25.00 -2.59
CBC HEM T . -14.32 24.95 -2.08
C1D HEM T . -10.46 25.94 -6.08
C2D HEM T . -9.81 27.25 -6.18
C3D HEM T . -9.11 27.23 -7.34
C4D HEM T . -9.34 25.90 -7.92
CMD HEM T . -9.90 28.39 -5.20
CAD HEM T . -8.26 28.34 -7.89
CBD HEM T . -9.14 29.51 -8.34
CGD HEM T . -8.30 30.69 -8.73
O1D HEM T . -7.44 31.16 -7.93
O2D HEM T . -8.45 31.24 -9.84
NA HEM T . -9.80 23.35 -9.18
NB HEM T . -11.35 21.40 -7.72
NC HEM T . -11.73 23.36 -5.60
ND HEM T . -10.18 25.17 -7.15
FE HEM T . -10.74 23.38 -7.42
C1 NAG U . -20.05 4.87 -23.64
C2 NAG U . -20.75 3.79 -24.46
C3 NAG U . -20.25 3.84 -25.90
C4 NAG U . -20.42 5.24 -26.45
C5 NAG U . -19.82 6.29 -25.51
C6 NAG U . -20.13 7.69 -26.00
C7 NAG U . -21.53 1.69 -23.53
C8 NAG U . -21.18 0.35 -22.96
N2 NAG U . -20.51 2.47 -23.89
O3 NAG U . -21.00 2.92 -26.68
O4 NAG U . -19.79 5.32 -27.71
O5 NAG U . -20.34 6.13 -24.21
O6 NAG U . -21.26 8.20 -25.33
O7 NAG U . -22.71 2.03 -23.66
C1 NAG V . -0.55 40.43 -18.55
C2 NAG V . 0.68 40.61 -19.43
C3 NAG V . 0.90 42.08 -19.73
C4 NAG V . -0.38 42.68 -20.31
C5 NAG V . -1.59 42.34 -19.45
C6 NAG V . -2.88 42.80 -20.13
C7 NAG V . 2.43 38.92 -19.30
C8 NAG V . 3.66 38.44 -18.61
N2 NAG V . 1.87 40.04 -18.82
O3 NAG V . 1.95 42.23 -20.65
O4 NAG V . -0.25 44.09 -20.40
O5 NAG V . -1.66 40.94 -19.24
O6 NAG V . -3.98 42.36 -19.37
O7 NAG V . 1.95 38.29 -20.25
AS CAC W . -8.05 42.10 -23.05
O1 CAC W . -8.47 43.73 -22.65
O2 CAC W . -9.50 41.22 -23.50
C1 CAC W . -6.81 42.09 -24.56
C2 CAC W . -7.22 41.22 -21.51
C FMT X . -7.46 11.13 -17.82
O1 FMT X . -6.56 11.94 -17.97
O2 FMT X . -8.72 11.57 -17.79
C1 GOL Y . -28.55 41.89 -9.95
O1 GOL Y . -27.43 42.77 -9.96
C2 GOL Y . -28.14 40.53 -10.49
O2 GOL Y . -28.83 40.27 -11.70
C3 GOL Y . -28.48 39.46 -9.46
O3 GOL Y . -27.28 39.01 -8.84
C1 GOL Z . -17.48 25.98 -30.72
O1 GOL Z . -17.93 24.75 -31.29
C2 GOL Z . -18.68 26.78 -30.21
O2 GOL Z . -18.23 27.74 -29.24
C3 GOL Z . -19.69 25.84 -29.56
O3 GOL Z . -20.65 26.61 -28.82
C1 GOL AA . -10.49 3.69 -1.19
O1 GOL AA . -10.42 4.87 -0.38
C2 GOL AA . -9.65 3.89 -2.45
O2 GOL AA . -8.68 4.91 -2.22
C3 GOL AA . -8.94 2.59 -2.80
O3 GOL AA . -7.84 2.87 -3.68
C1 GOL BA . -3.41 4.02 -4.73
O1 GOL BA . -2.56 3.94 -3.58
C2 GOL BA . -4.13 5.36 -4.75
O2 GOL BA . -4.87 5.54 -3.54
C3 GOL BA . -3.11 6.50 -4.92
O3 GOL BA . -3.40 7.21 -6.13
C1 GOL CA . 11.45 8.91 14.41
O1 GOL CA . 11.71 8.79 15.82
C2 GOL CA . 10.14 8.20 14.09
O2 GOL CA . 10.24 7.59 12.80
C3 GOL CA . 9.00 9.21 14.10
O3 GOL CA . 7.99 8.74 15.00
C1 GOL DA . -1.60 42.06 13.64
O1 GOL DA . -1.60 42.29 12.23
C2 GOL DA . -2.77 41.18 14.00
O2 GOL DA . -2.39 39.80 13.87
C3 GOL DA . -3.93 41.47 13.06
O3 GOL DA . -5.07 41.93 13.79
C FMT EA . -8.79 21.70 -5.62
O1 FMT EA . -7.73 21.47 -5.06
O2 FMT EA . -8.86 22.72 -6.48
#